data_7NEY
#
_entry.id   7NEY
#
_cell.length_a   74.212
_cell.length_b   74.212
_cell.length_c   346.561
_cell.angle_alpha   90.00
_cell.angle_beta   90.00
_cell.angle_gamma   120.00
#
_symmetry.space_group_name_H-M   'P 32 2 1'
#
loop_
_entity.id
_entity.type
_entity.pdbx_description
1 polymer 'Ferulic acid decarboxylase 1'
2 non-polymer '1-deoxy-5-O-phosphono-1-(3,3,4,5-tetramethyl-9,11-dioxo-2,3,8,9,10,11-hexahydro-7H-quinolino[1,8-fg]pteridin-12-ium-7-y l)-D-ribitol'
3 non-polymer 'POTASSIUM ION'
4 non-polymer 'MANGANESE (II) ION'
5 water water
#
_entity_poly.entity_id   1
_entity_poly.type   'polypeptide(L)'
_entity_poly.pdbx_seq_one_letter_code
;MHHHHHHMSSTTYKSEAFDPEPPHLSFRSFVEALRQDNDLVDINEPVDPDLEAAAITRLVCETDDKAPLFNNVIGAKDGL
WRILGAPASLRSSPKERFGRLARHLALPPTASAKDILDKMLSANSIPPIEPVIVPTGPVKENSIEGENIDLEALPAPMVH
QSDGGKYIQTYGMHVIQSPDGCWTNWSIARAMVSGKRTLAGLVISPQHIRKIQDQWRAIGQEEIPWALAFGVPPTAIMAS
SMPIPDGVSEAGYVGAIAGEPIKLVKCDTNNLYVPANSEIVLEGTLSTTKMAPEGPFGEMHGYVYPGESHPGPVYTVNKI
TYRNNAILPMSACGRLTDETQTMIGTLAAAEIRQLCQDAGLPITDAFAPFVGQATWVALKVDTKRLRAMKTNGKAFAKRV
GDVVFTQKPGFTIHRLILVGDDIDVYDDKDVMWAFTTRCRPGTDEVFFDDVVGFQLIPYMSHGNAEAIKGGKVVSDALLT
AEYTTGKDWESADFKNSYPKSIQDKVLNSWERLGFKKLD
;
_entity_poly.pdbx_strand_id   A,B
#
# COMPACT_ATOMS: atom_id res chain seq x y z
N GLU A 21 26.09 -21.05 -23.89
CA GLU A 21 25.58 -19.64 -23.84
C GLU A 21 25.15 -19.23 -22.44
N PRO A 22 25.35 -17.96 -22.06
CA PRO A 22 25.05 -17.52 -20.70
C PRO A 22 23.53 -17.47 -20.49
N PRO A 23 23.11 -17.46 -19.22
CA PRO A 23 21.70 -17.40 -18.84
C PRO A 23 20.87 -16.35 -19.57
N HIS A 24 21.40 -15.16 -19.80
CA HIS A 24 20.61 -14.07 -20.43
C HIS A 24 20.40 -14.32 -21.94
N LEU A 25 21.14 -15.26 -22.54
CA LEU A 25 21.07 -15.59 -23.99
C LEU A 25 20.53 -17.00 -24.23
N SER A 26 20.22 -17.79 -23.22
CA SER A 26 19.70 -19.16 -23.42
C SER A 26 18.70 -19.45 -22.32
N PHE A 27 17.46 -19.76 -22.65
CA PHE A 27 16.46 -20.11 -21.61
C PHE A 27 16.92 -21.35 -20.83
N ARG A 28 17.51 -22.35 -21.49
CA ARG A 28 17.99 -23.60 -20.85
C ARG A 28 19.11 -23.25 -19.84
N SER A 29 20.00 -22.31 -20.16
CA SER A 29 21.05 -21.85 -19.22
C SER A 29 20.43 -21.03 -18.08
N PHE A 30 19.35 -20.30 -18.34
CA PHE A 30 18.64 -19.50 -17.32
C PHE A 30 18.04 -20.46 -16.28
N VAL A 31 17.41 -21.54 -16.74
CA VAL A 31 16.80 -22.54 -15.85
C VAL A 31 17.91 -23.07 -14.94
N GLU A 32 19.08 -23.37 -15.51
CA GLU A 32 20.20 -23.94 -14.70
C GLU A 32 20.68 -22.90 -13.69
N ALA A 33 20.73 -21.63 -14.08
CA ALA A 33 21.05 -20.50 -13.18
C ALA A 33 20.07 -20.45 -12.02
N LEU A 34 18.77 -20.65 -12.28
CA LEU A 34 17.79 -20.67 -11.15
C LEU A 34 18.10 -21.85 -10.22
N ARG A 35 18.45 -23.01 -10.76
CA ARG A 35 18.81 -24.20 -9.94
C ARG A 35 20.01 -23.84 -9.06
N GLN A 36 21.00 -23.18 -9.66
CA GLN A 36 22.25 -22.82 -8.94
C GLN A 36 21.96 -21.82 -7.82
N ASP A 37 20.96 -20.96 -8.04
CA ASP A 37 20.55 -19.89 -7.09
C ASP A 37 19.66 -20.45 -5.98
N ASN A 38 19.33 -21.73 -6.00
CA ASN A 38 18.36 -22.37 -5.07
C ASN A 38 17.00 -21.69 -5.24
N ASP A 39 16.63 -21.39 -6.50
CA ASP A 39 15.45 -20.57 -6.84
C ASP A 39 14.49 -21.35 -7.73
N LEU A 40 14.62 -22.67 -7.75
CA LEU A 40 13.84 -23.52 -8.66
C LEU A 40 13.54 -24.83 -7.96
N VAL A 41 12.32 -25.33 -8.11
CA VAL A 41 11.92 -26.63 -7.56
C VAL A 41 11.67 -27.54 -8.75
N ASP A 42 12.45 -28.61 -8.87
CA ASP A 42 12.23 -29.63 -9.92
C ASP A 42 11.11 -30.58 -9.46
N ILE A 43 9.92 -30.48 -10.05
CA ILE A 43 8.77 -31.33 -9.63
C ILE A 43 8.73 -32.52 -10.57
N ASN A 44 9.01 -33.73 -10.04
CA ASN A 44 9.20 -34.95 -10.88
C ASN A 44 7.96 -35.83 -10.80
N GLU A 45 7.08 -35.56 -9.84
CA GLU A 45 5.74 -36.16 -9.71
C GLU A 45 4.86 -35.71 -10.86
N PRO A 46 3.92 -36.56 -11.32
CA PRO A 46 2.99 -36.18 -12.38
C PRO A 46 2.12 -35.00 -11.90
N VAL A 47 2.01 -33.96 -12.74
CA VAL A 47 1.20 -32.76 -12.46
C VAL A 47 0.28 -32.56 -13.66
N ASP A 48 -1.02 -32.38 -13.39
CA ASP A 48 -2.04 -32.13 -14.44
C ASP A 48 -1.86 -30.70 -14.98
N PRO A 49 -1.66 -30.50 -16.31
CA PRO A 49 -1.72 -29.15 -16.88
C PRO A 49 -3.14 -28.56 -16.83
N ASP A 50 -4.14 -29.38 -16.50
CA ASP A 50 -5.52 -28.88 -16.25
C ASP A 50 -5.60 -28.38 -14.80
N LEU A 51 -5.30 -27.09 -14.60
CA LEU A 51 -5.44 -26.32 -13.34
C LEU A 51 -4.35 -26.60 -12.31
N GLU A 52 -3.83 -27.82 -12.16
CA GLU A 52 -2.90 -28.13 -11.04
C GLU A 52 -1.58 -27.36 -11.22
N ALA A 53 -0.92 -27.48 -12.38
CA ALA A 53 0.33 -26.71 -12.65
C ALA A 53 0.09 -25.21 -12.36
N ALA A 54 -1.00 -24.63 -12.83
CA ALA A 54 -1.23 -23.18 -12.62
C ALA A 54 -1.53 -22.90 -11.16
N ALA A 55 -2.21 -23.80 -10.44
CA ALA A 55 -2.54 -23.52 -9.04
C ALA A 55 -1.25 -23.47 -8.20
N ILE A 56 -0.34 -24.40 -8.46
CA ILE A 56 0.99 -24.38 -7.80
C ILE A 56 1.70 -23.07 -8.18
N THR A 57 1.71 -22.72 -9.47
CA THR A 57 2.39 -21.46 -9.92
C THR A 57 1.76 -20.25 -9.22
N ARG A 58 0.43 -20.17 -9.21
CA ARG A 58 -0.30 -19.06 -8.58
C ARG A 58 0.10 -18.96 -7.11
N LEU A 59 0.16 -20.06 -6.37
CA LEU A 59 0.51 -19.99 -4.93
C LEU A 59 1.99 -19.60 -4.76
N VAL A 60 2.88 -20.01 -5.67
CA VAL A 60 4.29 -19.53 -5.71
C VAL A 60 4.29 -18.00 -5.90
N CYS A 61 3.52 -17.48 -6.85
CA CYS A 61 3.46 -16.02 -7.10
C CYS A 61 2.95 -15.28 -5.85
N GLU A 62 1.97 -15.87 -5.16
CA GLU A 62 1.32 -15.18 -4.01
C GLU A 62 2.23 -15.22 -2.77
N THR A 63 3.23 -16.08 -2.73
CA THR A 63 4.14 -16.25 -1.55
C THR A 63 5.59 -15.93 -1.90
N ASP A 64 5.88 -15.51 -3.14
CA ASP A 64 7.27 -15.19 -3.58
C ASP A 64 8.18 -16.40 -3.36
N ASP A 65 7.71 -17.57 -3.73
CA ASP A 65 8.52 -18.80 -3.55
C ASP A 65 9.38 -19.04 -4.79
N LYS A 66 10.06 -20.19 -4.77
CA LYS A 66 10.94 -20.69 -5.85
C LYS A 66 10.09 -20.98 -7.08
N ALA A 67 10.69 -20.83 -8.24
CA ALA A 67 9.98 -21.13 -9.51
C ALA A 67 9.77 -22.63 -9.62
N PRO A 68 8.55 -23.07 -10.04
CA PRO A 68 8.28 -24.48 -10.21
C PRO A 68 8.57 -24.92 -11.63
N LEU A 69 9.40 -25.96 -11.77
CA LEU A 69 9.64 -26.64 -13.06
C LEU A 69 8.91 -27.97 -13.03
N PHE A 70 7.85 -28.09 -13.80
CA PHE A 70 7.07 -29.33 -13.94
C PHE A 70 7.77 -30.18 -15.00
N ASN A 71 8.50 -31.18 -14.53
CA ASN A 71 9.29 -32.09 -15.37
C ASN A 71 8.44 -33.26 -15.83
N ASN A 72 7.23 -33.41 -15.29
CA ASN A 72 6.39 -34.60 -15.57
C ASN A 72 4.95 -34.15 -15.74
N VAL A 73 4.68 -33.50 -16.87
CA VAL A 73 3.33 -32.94 -17.15
C VAL A 73 2.45 -34.07 -17.71
N ILE A 74 1.33 -34.35 -17.06
CA ILE A 74 0.35 -35.40 -17.53
C ILE A 74 -0.09 -35.09 -18.97
N GLY A 75 0.13 -36.03 -19.88
CA GLY A 75 -0.25 -35.84 -21.29
C GLY A 75 0.92 -35.43 -22.17
N ALA A 76 2.12 -35.25 -21.61
CA ALA A 76 3.31 -34.89 -22.41
C ALA A 76 3.66 -36.11 -23.27
N LYS A 77 3.98 -35.88 -24.54
CA LYS A 77 4.44 -36.93 -25.48
C LYS A 77 5.61 -36.39 -26.31
N ASP A 78 6.66 -37.19 -26.49
CA ASP A 78 7.70 -36.97 -27.53
C ASP A 78 8.46 -35.67 -27.26
N GLY A 79 8.57 -35.29 -25.98
CA GLY A 79 9.30 -34.10 -25.55
C GLY A 79 8.43 -32.85 -25.49
N LEU A 80 7.12 -32.92 -25.77
CA LEU A 80 6.22 -31.75 -25.57
C LEU A 80 5.24 -32.02 -24.44
N TRP A 81 5.35 -31.33 -23.29
CA TRP A 81 6.44 -30.44 -22.93
C TRP A 81 6.54 -30.48 -21.40
N ARG A 82 7.65 -29.98 -20.86
CA ARG A 82 7.71 -29.57 -19.45
C ARG A 82 7.15 -28.15 -19.33
N ILE A 83 6.92 -27.68 -18.10
CA ILE A 83 6.40 -26.30 -17.87
C ILE A 83 7.27 -25.63 -16.82
N LEU A 84 7.66 -24.39 -17.04
CA LEU A 84 8.26 -23.55 -15.98
C LEU A 84 7.27 -22.45 -15.63
N GLY A 85 6.78 -22.49 -14.40
CA GLY A 85 5.89 -21.44 -13.89
C GLY A 85 6.69 -20.31 -13.27
N ALA A 86 6.13 -19.10 -13.24
CA ALA A 86 6.65 -17.95 -12.47
C ALA A 86 8.07 -17.61 -12.89
N PRO A 87 8.33 -17.58 -14.20
CA PRO A 87 9.66 -17.30 -14.71
C PRO A 87 10.27 -15.98 -14.26
N ALA A 88 9.48 -14.95 -13.95
CA ALA A 88 10.03 -13.60 -13.61
C ALA A 88 9.28 -13.01 -12.42
N SER A 89 8.80 -13.87 -11.52
CA SER A 89 8.14 -13.39 -10.27
C SER A 89 9.20 -13.15 -9.18
N LEU A 90 8.78 -12.73 -7.99
CA LEU A 90 9.73 -12.20 -6.98
C LEU A 90 10.27 -13.33 -6.11
N ARG A 91 11.47 -13.15 -5.55
CA ARG A 91 12.00 -14.04 -4.49
C ARG A 91 11.65 -13.44 -3.13
N SER A 92 11.72 -14.25 -2.07
CA SER A 92 11.17 -13.84 -0.74
C SER A 92 12.26 -13.14 0.04
N SER A 93 13.52 -13.38 -0.28
CA SER A 93 14.65 -12.73 0.43
C SER A 93 14.73 -11.27 0.02
N PRO A 94 14.56 -10.27 0.91
CA PRO A 94 14.58 -8.87 0.49
C PRO A 94 15.86 -8.42 -0.26
N LYS A 95 17.04 -9.00 0.01
CA LYS A 95 18.29 -8.55 -0.68
C LYS A 95 18.34 -9.09 -2.13
N GLU A 96 17.53 -10.09 -2.48
CA GLU A 96 17.52 -10.72 -3.84
C GLU A 96 16.07 -10.75 -4.38
N ARG A 97 15.26 -9.77 -4.01
CA ARG A 97 13.80 -9.78 -4.35
C ARG A 97 13.67 -9.87 -5.87
N PHE A 98 14.47 -9.14 -6.63
CA PHE A 98 14.36 -9.11 -8.11
C PHE A 98 15.34 -10.06 -8.79
N GLY A 99 15.85 -11.05 -8.08
CA GLY A 99 16.92 -11.90 -8.62
C GLY A 99 16.52 -12.73 -9.85
N ARG A 100 15.27 -13.16 -9.92
CA ARG A 100 14.85 -13.94 -11.10
C ARG A 100 14.82 -13.01 -12.32
N LEU A 101 14.38 -11.76 -12.20
CA LEU A 101 14.50 -10.76 -13.28
C LEU A 101 15.94 -10.44 -13.56
N ALA A 102 16.80 -10.32 -12.55
CA ALA A 102 18.22 -9.98 -12.81
C ALA A 102 18.86 -11.09 -13.67
N ARG A 103 18.50 -12.36 -13.46
CA ARG A 103 19.04 -13.51 -14.21
C ARG A 103 18.57 -13.52 -15.66
N HIS A 104 17.56 -12.71 -16.02
CA HIS A 104 17.23 -12.49 -17.45
C HIS A 104 18.25 -11.58 -18.13
N LEU A 105 19.06 -10.80 -17.39
CA LEU A 105 19.70 -9.58 -17.93
C LEU A 105 21.20 -9.49 -17.59
N ALA A 106 21.81 -10.59 -17.15
CA ALA A 106 23.27 -10.67 -16.85
C ALA A 106 23.58 -9.73 -15.66
N LEU A 107 22.60 -9.54 -14.79
CA LEU A 107 22.75 -8.75 -13.54
C LEU A 107 22.86 -9.69 -12.36
N PRO A 108 23.51 -9.23 -11.26
CA PRO A 108 23.62 -10.05 -10.08
C PRO A 108 22.23 -10.19 -9.41
N PRO A 109 21.97 -11.27 -8.67
CA PRO A 109 20.66 -11.48 -8.04
C PRO A 109 20.28 -10.45 -6.96
N THR A 110 21.26 -9.65 -6.49
CA THR A 110 21.04 -8.48 -5.59
C THR A 110 20.67 -7.16 -6.33
N ALA A 111 20.48 -7.19 -7.66
CA ALA A 111 20.17 -6.00 -8.48
C ALA A 111 18.92 -5.28 -7.95
N SER A 112 19.02 -3.97 -7.84
CA SER A 112 17.86 -3.11 -7.49
C SER A 112 16.89 -3.09 -8.68
N ALA A 113 15.67 -2.62 -8.46
CA ALA A 113 14.72 -2.38 -9.55
C ALA A 113 15.32 -1.33 -10.49
N LYS A 114 15.98 -0.31 -9.94
CA LYS A 114 16.61 0.75 -10.77
C LYS A 114 17.64 0.11 -11.71
N ASP A 115 18.49 -0.79 -11.22
CA ASP A 115 19.52 -1.49 -12.04
C ASP A 115 18.86 -2.21 -13.23
N ILE A 116 17.77 -2.93 -12.98
CA ILE A 116 17.04 -3.68 -14.02
C ILE A 116 16.48 -2.71 -15.06
N LEU A 117 15.77 -1.69 -14.63
CA LEU A 117 15.19 -0.71 -15.60
C LEU A 117 16.32 0.02 -16.35
N ASP A 118 17.37 0.46 -15.67
CA ASP A 118 18.53 1.13 -16.33
C ASP A 118 19.12 0.22 -17.42
N LYS A 119 19.25 -1.08 -17.17
CA LYS A 119 19.78 -2.06 -18.14
C LYS A 119 18.81 -2.16 -19.32
N MET A 120 17.51 -2.22 -19.08
CA MET A 120 16.55 -2.31 -20.21
C MET A 120 16.62 -1.03 -21.06
N LEU A 121 16.82 0.15 -20.44
CA LEU A 121 16.89 1.43 -21.17
C LEU A 121 18.26 1.66 -21.82
N SER A 122 19.28 0.89 -21.44
CA SER A 122 20.68 1.08 -21.89
C SER A 122 20.81 1.08 -23.43
N ALA A 123 19.97 0.34 -24.15
CA ALA A 123 20.03 0.19 -25.62
C ALA A 123 19.35 1.39 -26.31
N ASN A 124 18.73 2.29 -25.53
CA ASN A 124 17.93 3.44 -26.06
C ASN A 124 18.90 4.44 -26.72
N SER A 125 20.15 4.50 -26.31
CA SER A 125 21.08 5.62 -26.64
C SER A 125 22.31 5.11 -27.39
N ILE A 126 22.36 3.81 -27.71
CA ILE A 126 23.53 3.19 -28.39
C ILE A 126 23.04 2.45 -29.63
N PRO A 127 23.96 2.18 -30.57
CA PRO A 127 23.59 1.48 -31.80
C PRO A 127 23.09 0.08 -31.51
N PRO A 128 22.09 -0.36 -32.31
CA PRO A 128 21.64 -1.75 -32.31
C PRO A 128 22.81 -2.70 -32.59
N ILE A 129 22.83 -3.86 -31.95
CA ILE A 129 23.74 -4.96 -32.36
C ILE A 129 22.85 -5.96 -33.10
N GLU A 130 23.02 -6.02 -34.42
CA GLU A 130 22.08 -6.76 -35.29
C GLU A 130 22.24 -8.26 -35.05
N PRO A 131 21.14 -9.03 -35.18
CA PRO A 131 21.22 -10.49 -35.00
C PRO A 131 22.13 -11.14 -36.07
N VAL A 132 22.69 -12.30 -35.75
CA VAL A 132 23.49 -13.11 -36.72
C VAL A 132 22.71 -14.35 -37.09
N ILE A 133 22.80 -14.74 -38.36
CA ILE A 133 22.07 -15.93 -38.84
C ILE A 133 22.96 -17.15 -38.63
N VAL A 134 22.42 -18.19 -38.03
CA VAL A 134 23.06 -19.53 -37.99
C VAL A 134 22.22 -20.49 -38.83
N PRO A 135 22.85 -21.54 -39.41
CA PRO A 135 22.10 -22.51 -40.21
C PRO A 135 21.16 -23.46 -39.44
N THR A 136 21.41 -23.67 -38.16
CA THR A 136 20.59 -24.59 -37.33
C THR A 136 20.76 -24.24 -35.85
N GLY A 137 20.01 -24.93 -35.02
CA GLY A 137 20.19 -24.83 -33.57
C GLY A 137 19.30 -25.83 -32.85
N PRO A 138 19.37 -25.88 -31.51
CA PRO A 138 18.56 -26.83 -30.74
C PRO A 138 17.08 -26.81 -31.10
N VAL A 139 16.53 -25.66 -31.49
CA VAL A 139 15.06 -25.57 -31.74
C VAL A 139 14.69 -26.48 -32.92
N LYS A 140 15.64 -26.91 -33.75
CA LYS A 140 15.39 -27.79 -34.93
C LYS A 140 15.54 -29.28 -34.60
N GLU A 141 15.71 -29.67 -33.34
CA GLU A 141 15.95 -31.08 -32.96
C GLU A 141 14.72 -31.95 -33.31
N ASN A 142 13.51 -31.39 -33.25
CA ASN A 142 12.26 -32.17 -33.42
C ASN A 142 11.26 -31.32 -34.20
N SER A 143 10.34 -31.97 -34.87
CA SER A 143 9.27 -31.25 -35.60
C SER A 143 7.98 -32.06 -35.72
N ILE A 144 6.87 -31.33 -35.79
CA ILE A 144 5.52 -31.85 -36.09
C ILE A 144 4.95 -30.94 -37.17
N GLU A 145 4.29 -31.48 -38.19
CA GLU A 145 3.91 -30.68 -39.38
C GLU A 145 2.50 -31.02 -39.81
N GLY A 146 1.76 -29.99 -40.25
CA GLY A 146 0.46 -30.08 -40.93
C GLY A 146 -0.51 -30.90 -40.12
N GLU A 147 -1.07 -31.95 -40.73
CA GLU A 147 -2.20 -32.73 -40.19
C GLU A 147 -1.74 -33.55 -38.98
N ASN A 148 -0.44 -33.67 -38.75
CA ASN A 148 0.07 -34.36 -37.54
C ASN A 148 -0.09 -33.44 -36.32
N ILE A 149 -0.27 -32.14 -36.51
CA ILE A 149 -0.44 -31.20 -35.35
C ILE A 149 -1.84 -31.33 -34.76
N ASP A 150 -1.94 -31.58 -33.46
CA ASP A 150 -3.22 -31.55 -32.72
C ASP A 150 -2.98 -30.78 -31.41
N LEU A 151 -3.26 -29.48 -31.44
CA LEU A 151 -3.00 -28.56 -30.32
C LEU A 151 -3.92 -28.93 -29.15
N GLU A 152 -5.07 -29.54 -29.42
CA GLU A 152 -6.00 -29.90 -28.32
C GLU A 152 -5.46 -31.13 -27.57
N ALA A 153 -4.60 -31.96 -28.19
CA ALA A 153 -3.94 -33.12 -27.57
C ALA A 153 -2.65 -32.73 -26.83
N LEU A 154 -2.06 -31.57 -27.10
CA LEU A 154 -0.83 -31.13 -26.39
C LEU A 154 -1.21 -30.64 -25.01
N PRO A 155 -0.35 -30.82 -23.98
CA PRO A 155 -0.70 -30.43 -22.61
C PRO A 155 -0.58 -28.91 -22.37
N ALA A 156 -1.31 -28.11 -23.15
CA ALA A 156 -1.49 -26.67 -22.91
C ALA A 156 -2.17 -26.51 -21.55
N PRO A 157 -1.70 -25.61 -20.69
CA PRO A 157 -2.31 -25.41 -19.37
C PRO A 157 -3.68 -24.73 -19.38
N MET A 158 -4.54 -25.21 -18.48
CA MET A 158 -5.72 -24.43 -18.04
C MET A 158 -5.23 -23.58 -16.86
N VAL A 159 -5.11 -22.27 -17.09
CA VAL A 159 -4.39 -21.34 -16.17
C VAL A 159 -5.34 -20.86 -15.05
N HIS A 160 -6.62 -20.62 -15.33
CA HIS A 160 -7.62 -20.25 -14.30
C HIS A 160 -8.91 -21.04 -14.61
N GLN A 161 -9.68 -21.42 -13.59
CA GLN A 161 -10.82 -22.35 -13.85
C GLN A 161 -11.87 -21.71 -14.77
N SER A 162 -12.01 -20.40 -14.81
CA SER A 162 -13.05 -19.73 -15.65
C SER A 162 -12.51 -19.20 -16.97
N ASP A 163 -11.26 -19.55 -17.32
CA ASP A 163 -10.71 -19.08 -18.61
C ASP A 163 -11.52 -19.69 -19.77
N GLY A 164 -11.52 -19.01 -20.89
CA GLY A 164 -12.25 -19.44 -22.10
C GLY A 164 -11.56 -20.56 -22.84
N GLY A 165 -10.32 -20.86 -22.50
CA GLY A 165 -9.61 -22.00 -23.11
C GLY A 165 -8.29 -22.21 -22.44
N LYS A 166 -7.44 -23.03 -23.05
CA LYS A 166 -6.10 -23.35 -22.51
C LYS A 166 -5.14 -22.32 -23.06
N TYR A 167 -4.58 -21.49 -22.19
CA TYR A 167 -3.69 -20.38 -22.58
C TYR A 167 -2.27 -20.92 -22.66
N ILE A 168 -1.99 -21.54 -23.81
CA ILE A 168 -0.64 -22.02 -24.18
C ILE A 168 0.34 -20.83 -24.21
N GLN A 169 -0.12 -19.66 -24.63
CA GLN A 169 0.72 -18.48 -24.87
C GLN A 169 0.50 -17.45 -23.75
N THR A 170 1.36 -17.50 -22.74
CA THR A 170 1.44 -16.49 -21.66
C THR A 170 2.85 -15.95 -21.51
N TYR A 171 3.88 -16.55 -22.11
CA TYR A 171 5.26 -16.05 -21.90
C TYR A 171 6.14 -16.31 -23.11
N GLY A 172 5.52 -16.49 -24.29
CA GLY A 172 6.22 -16.62 -25.56
C GLY A 172 6.22 -15.31 -26.32
N MET A 173 7.07 -15.25 -27.33
CA MET A 173 7.37 -14.06 -28.14
C MET A 173 6.77 -14.24 -29.54
N HIS A 174 5.77 -13.45 -29.88
CA HIS A 174 5.27 -13.38 -31.27
C HIS A 174 6.30 -12.66 -32.13
N VAL A 175 6.60 -13.25 -33.27
CA VAL A 175 7.49 -12.69 -34.31
C VAL A 175 6.59 -12.39 -35.52
N ILE A 176 6.59 -11.14 -35.91
CA ILE A 176 5.79 -10.69 -37.07
C ILE A 176 6.52 -9.52 -37.72
N GLN A 177 6.54 -9.53 -39.04
CA GLN A 177 7.33 -8.54 -39.82
C GLN A 177 6.38 -7.64 -40.64
N SER A 178 6.71 -6.37 -40.79
CA SER A 178 5.90 -5.43 -41.62
C SER A 178 5.95 -5.90 -43.08
N PRO A 179 4.92 -5.52 -43.90
CA PRO A 179 4.87 -5.82 -45.33
C PRO A 179 6.15 -5.46 -46.11
N ASP A 180 6.82 -4.36 -45.78
CA ASP A 180 8.02 -3.87 -46.49
C ASP A 180 9.28 -4.62 -46.03
N GLY A 181 9.19 -5.43 -44.96
CA GLY A 181 10.26 -6.36 -44.56
C GLY A 181 11.28 -5.73 -43.61
N CYS A 182 11.16 -4.44 -43.29
CA CYS A 182 12.25 -3.68 -42.61
C CYS A 182 12.10 -3.84 -41.08
N TRP A 183 10.87 -3.99 -40.62
CA TRP A 183 10.58 -4.00 -39.17
C TRP A 183 10.08 -5.38 -38.75
N THR A 184 10.84 -6.08 -37.91
CA THR A 184 10.40 -7.33 -37.27
C THR A 184 10.12 -7.04 -35.80
N ASN A 185 8.87 -7.16 -35.41
CA ASN A 185 8.42 -6.91 -34.01
C ASN A 185 8.44 -8.25 -33.23
N TRP A 186 8.94 -8.17 -32.00
CA TRP A 186 8.88 -9.24 -30.97
C TRP A 186 8.05 -8.71 -29.79
N SER A 187 6.99 -9.40 -29.43
CA SER A 187 6.13 -8.98 -28.32
C SER A 187 5.41 -10.18 -27.71
N ILE A 188 4.99 -9.98 -26.47
CA ILE A 188 4.10 -10.89 -25.74
C ILE A 188 2.67 -10.37 -25.89
N ALA A 189 1.79 -11.26 -26.29
CA ALA A 189 0.33 -11.09 -26.32
C ALA A 189 -0.26 -12.47 -26.09
N ARG A 190 -1.28 -12.59 -25.25
CA ARG A 190 -1.86 -13.88 -24.85
C ARG A 190 -2.51 -14.55 -26.07
N ALA A 191 -2.52 -15.87 -26.04
CA ALA A 191 -3.31 -16.68 -27.00
C ALA A 191 -3.66 -18.01 -26.39
N MET A 192 -4.86 -18.49 -26.73
CA MET A 192 -5.42 -19.74 -26.25
C MET A 192 -5.65 -20.68 -27.44
N VAL A 193 -5.52 -21.97 -27.19
CA VAL A 193 -5.92 -23.05 -28.14
C VAL A 193 -7.43 -22.92 -28.46
N SER A 194 -7.72 -22.88 -29.75
CA SER A 194 -9.04 -22.58 -30.40
C SER A 194 -9.54 -23.84 -31.11
N GLY A 195 -8.64 -24.74 -31.49
CA GLY A 195 -8.96 -25.87 -32.36
C GLY A 195 -7.69 -26.66 -32.62
N LYS A 196 -7.81 -27.68 -33.46
CA LYS A 196 -6.73 -28.62 -33.78
C LYS A 196 -5.49 -27.86 -34.24
N ARG A 197 -5.64 -26.83 -35.07
CA ARG A 197 -4.49 -26.11 -35.68
C ARG A 197 -4.57 -24.61 -35.42
N THR A 198 -5.41 -24.15 -34.50
CA THR A 198 -5.67 -22.70 -34.34
C THR A 198 -5.54 -22.23 -32.87
N LEU A 199 -5.07 -21.01 -32.74
CA LEU A 199 -5.14 -20.21 -31.49
C LEU A 199 -6.04 -19.00 -31.75
N ALA A 200 -6.60 -18.44 -30.69
CA ALA A 200 -7.19 -17.08 -30.74
C ALA A 200 -6.41 -16.20 -29.75
N GLY A 201 -6.11 -14.98 -30.13
CA GLY A 201 -5.30 -14.09 -29.28
C GLY A 201 -5.90 -12.73 -29.13
N LEU A 202 -5.39 -12.02 -28.13
CA LEU A 202 -5.65 -10.59 -27.88
C LEU A 202 -4.68 -9.79 -28.74
N VAL A 203 -5.21 -8.98 -29.67
CA VAL A 203 -4.42 -8.15 -30.63
C VAL A 203 -5.05 -6.75 -30.66
N ILE A 204 -4.68 -5.89 -29.72
CA ILE A 204 -5.38 -4.58 -29.54
C ILE A 204 -4.47 -3.40 -29.89
N SER A 205 -5.08 -2.32 -30.35
CA SER A 205 -4.42 -1.00 -30.47
C SER A 205 -4.06 -0.54 -29.06
N PRO A 206 -2.90 0.12 -28.84
CA PRO A 206 -1.94 0.49 -29.86
C PRO A 206 -0.69 -0.42 -30.00
N GLN A 207 -0.85 -1.69 -29.72
CA GLN A 207 0.27 -2.64 -29.64
C GLN A 207 0.84 -2.86 -31.03
N HIS A 208 2.12 -3.10 -31.12
CA HIS A 208 2.82 -3.26 -32.41
C HIS A 208 2.28 -4.45 -33.20
N ILE A 209 1.85 -5.52 -32.54
CA ILE A 209 1.37 -6.71 -33.30
C ILE A 209 0.06 -6.31 -34.04
N ARG A 210 -0.73 -5.43 -33.44
CA ARG A 210 -1.98 -4.91 -34.08
C ARG A 210 -1.65 -3.88 -35.17
N LYS A 211 -0.66 -3.04 -34.95
CA LYS A 211 -0.22 -2.06 -35.97
C LYS A 211 0.25 -2.80 -37.22
N ILE A 212 1.02 -3.87 -37.04
CA ILE A 212 1.56 -4.64 -38.19
C ILE A 212 0.40 -5.39 -38.83
N GLN A 213 -0.49 -6.01 -38.07
CA GLN A 213 -1.69 -6.71 -38.59
C GLN A 213 -2.48 -5.74 -39.48
N ASP A 214 -2.63 -4.50 -39.03
CA ASP A 214 -3.37 -3.48 -39.83
C ASP A 214 -2.58 -3.14 -41.12
N GLN A 215 -1.25 -3.08 -41.09
CA GLN A 215 -0.44 -2.77 -42.29
C GLN A 215 -0.63 -3.87 -43.34
N TRP A 216 -0.78 -5.14 -42.94
CA TRP A 216 -1.10 -6.26 -43.87
C TRP A 216 -2.56 -6.23 -44.34
N ARG A 217 -3.54 -5.93 -43.49
CA ARG A 217 -4.98 -5.83 -43.86
C ARG A 217 -5.11 -4.78 -44.98
N ALA A 218 -4.39 -3.68 -44.85
CA ALA A 218 -4.45 -2.52 -45.76
C ALA A 218 -3.97 -2.90 -47.16
N ILE A 219 -3.07 -3.87 -47.33
CA ILE A 219 -2.59 -4.30 -48.69
C ILE A 219 -3.36 -5.56 -49.12
N GLY A 220 -4.35 -6.03 -48.36
CA GLY A 220 -5.28 -7.11 -48.73
C GLY A 220 -4.78 -8.50 -48.39
N GLN A 221 -3.68 -8.64 -47.62
CA GLN A 221 -3.16 -9.99 -47.25
C GLN A 221 -4.13 -10.66 -46.28
N GLU A 222 -4.58 -11.86 -46.58
CA GLU A 222 -5.51 -12.63 -45.72
C GLU A 222 -4.73 -13.28 -44.55
N GLU A 223 -3.56 -13.85 -44.82
CA GLU A 223 -2.81 -14.68 -43.83
C GLU A 223 -1.40 -14.10 -43.74
N ILE A 224 -0.99 -13.59 -42.57
CA ILE A 224 0.33 -12.93 -42.41
C ILE A 224 1.34 -13.96 -41.94
N PRO A 225 2.56 -14.04 -42.50
CA PRO A 225 3.56 -14.96 -41.93
C PRO A 225 3.81 -14.59 -40.45
N TRP A 226 3.87 -15.61 -39.59
CA TRP A 226 3.98 -15.43 -38.14
C TRP A 226 4.73 -16.60 -37.50
N ALA A 227 5.40 -16.35 -36.39
CA ALA A 227 5.97 -17.42 -35.55
C ALA A 227 5.81 -17.00 -34.09
N LEU A 228 5.69 -17.99 -33.25
CA LEU A 228 5.60 -17.79 -31.80
C LEU A 228 6.68 -18.67 -31.18
N ALA A 229 7.62 -18.04 -30.51
CA ALA A 229 8.79 -18.71 -29.91
C ALA A 229 8.63 -18.69 -28.39
N PHE A 230 8.63 -19.88 -27.81
CA PHE A 230 8.57 -20.14 -26.37
C PHE A 230 9.97 -20.46 -25.85
N GLY A 231 10.29 -19.97 -24.66
CA GLY A 231 11.62 -20.20 -24.05
C GLY A 231 12.69 -19.56 -24.91
N VAL A 232 12.50 -18.31 -25.29
CA VAL A 232 13.51 -17.50 -26.01
C VAL A 232 14.61 -17.09 -25.02
N PRO A 233 15.73 -16.54 -25.53
CA PRO A 233 16.71 -15.83 -24.69
C PRO A 233 16.06 -14.83 -23.76
N PRO A 234 16.33 -15.01 -22.44
CA PRO A 234 15.68 -14.20 -21.43
C PRO A 234 15.78 -12.70 -21.72
N THR A 235 16.85 -12.19 -22.31
CA THR A 235 16.92 -10.77 -22.64
C THR A 235 15.83 -10.43 -23.67
N ALA A 236 15.54 -11.34 -24.60
CA ALA A 236 14.54 -11.15 -25.67
C ALA A 236 13.14 -11.08 -25.06
N ILE A 237 12.82 -11.92 -24.09
CA ILE A 237 11.43 -11.89 -23.52
C ILE A 237 11.22 -10.59 -22.73
N MET A 238 12.25 -10.10 -22.06
CA MET A 238 12.14 -8.79 -21.39
C MET A 238 11.86 -7.67 -22.40
N ALA A 239 12.61 -7.59 -23.48
CA ALA A 239 12.43 -6.58 -24.53
C ALA A 239 11.06 -6.78 -25.19
N SER A 240 10.59 -8.02 -25.28
CA SER A 240 9.28 -8.35 -25.89
C SER A 240 8.16 -7.72 -25.05
N SER A 241 8.41 -7.46 -23.77
CA SER A 241 7.42 -6.91 -22.82
C SER A 241 7.54 -5.40 -22.67
N MET A 242 8.50 -4.78 -23.34
CA MET A 242 8.84 -3.36 -23.16
C MET A 242 8.38 -2.53 -24.35
N PRO A 243 7.73 -1.36 -24.13
CA PRO A 243 7.24 -0.58 -25.26
C PRO A 243 8.36 0.29 -25.83
N ILE A 244 9.28 -0.37 -26.53
CA ILE A 244 10.31 0.36 -27.31
C ILE A 244 9.63 1.02 -28.51
N PRO A 245 10.24 2.06 -29.11
CA PRO A 245 9.57 2.83 -30.16
C PRO A 245 9.00 2.04 -31.35
N ASP A 246 8.00 2.64 -31.99
CA ASP A 246 7.40 2.16 -33.26
C ASP A 246 8.54 2.04 -34.30
N GLY A 247 8.52 0.96 -35.09
CA GLY A 247 9.49 0.71 -36.16
C GLY A 247 10.85 0.19 -35.72
N VAL A 248 11.10 0.03 -34.42
CA VAL A 248 12.43 -0.40 -33.91
C VAL A 248 12.35 -1.93 -33.76
N SER A 249 13.17 -2.68 -34.48
CA SER A 249 13.16 -4.17 -34.36
C SER A 249 13.76 -4.53 -33.00
N GLU A 250 13.04 -5.31 -32.19
CA GLU A 250 13.55 -5.71 -30.85
C GLU A 250 14.87 -6.47 -30.95
N ALA A 251 15.13 -7.25 -32.01
CA ALA A 251 16.33 -8.12 -32.07
C ALA A 251 17.60 -7.27 -31.86
N GLY A 252 17.70 -6.11 -32.50
CA GLY A 252 18.87 -5.23 -32.44
C GLY A 252 18.99 -4.56 -31.10
N TYR A 253 17.85 -4.27 -30.49
CA TYR A 253 17.77 -3.61 -29.15
C TYR A 253 18.26 -4.61 -28.11
N VAL A 254 17.73 -5.84 -28.19
CA VAL A 254 18.17 -7.02 -27.39
C VAL A 254 19.67 -7.20 -27.55
N GLY A 255 20.18 -7.22 -28.77
CA GLY A 255 21.64 -7.32 -28.98
C GLY A 255 22.40 -6.23 -28.20
N ALA A 256 21.97 -4.97 -28.29
CA ALA A 256 22.61 -3.84 -27.59
C ALA A 256 22.54 -4.05 -26.05
N ILE A 257 21.44 -4.57 -25.50
CA ILE A 257 21.33 -4.85 -24.04
C ILE A 257 22.36 -5.92 -23.68
N ALA A 258 22.41 -7.02 -24.45
CA ALA A 258 23.13 -8.26 -24.14
C ALA A 258 24.61 -8.09 -24.42
N GLY A 259 24.99 -7.08 -25.19
CA GLY A 259 26.38 -6.78 -25.62
C GLY A 259 26.86 -7.66 -26.78
N GLU A 260 26.01 -8.54 -27.30
CA GLU A 260 26.37 -9.40 -28.47
C GLU A 260 25.11 -9.76 -29.26
N PRO A 261 25.27 -10.20 -30.52
CA PRO A 261 24.14 -10.56 -31.37
C PRO A 261 23.32 -11.75 -30.83
N ILE A 262 22.00 -11.70 -31.01
CA ILE A 262 21.14 -12.90 -30.80
C ILE A 262 21.33 -13.77 -32.04
N LYS A 263 21.64 -15.07 -31.88
CA LYS A 263 21.74 -16.05 -32.99
C LYS A 263 20.35 -16.49 -33.40
N LEU A 264 19.97 -16.21 -34.65
CA LEU A 264 18.64 -16.55 -35.19
C LEU A 264 18.80 -17.62 -36.27
N VAL A 265 17.79 -18.46 -36.37
CA VAL A 265 17.64 -19.47 -37.45
C VAL A 265 16.34 -19.15 -38.22
N LYS A 266 16.35 -19.38 -39.52
CA LYS A 266 15.16 -19.17 -40.37
C LYS A 266 14.10 -20.21 -40.02
N CYS A 267 12.84 -19.83 -40.00
CA CYS A 267 11.71 -20.79 -39.89
C CYS A 267 11.76 -21.76 -41.06
N ASP A 268 11.27 -22.98 -40.86
CA ASP A 268 11.23 -24.00 -41.96
C ASP A 268 10.26 -23.53 -43.05
N THR A 269 9.09 -22.99 -42.68
CA THR A 269 7.92 -22.85 -43.60
C THR A 269 7.71 -21.40 -44.03
N ASN A 270 8.55 -20.49 -43.58
CA ASN A 270 8.41 -19.06 -43.93
C ASN A 270 9.75 -18.34 -43.76
N ASN A 271 9.79 -17.04 -44.10
CA ASN A 271 11.01 -16.22 -44.19
C ASN A 271 11.22 -15.46 -42.88
N LEU A 272 10.56 -15.81 -41.77
CA LEU A 272 10.86 -15.21 -40.45
C LEU A 272 12.04 -15.93 -39.81
N TYR A 273 12.59 -15.30 -38.79
CA TYR A 273 13.78 -15.78 -38.06
C TYR A 273 13.38 -15.87 -36.59
N VAL A 274 13.78 -16.94 -35.94
CA VAL A 274 13.55 -17.13 -34.48
C VAL A 274 14.87 -17.45 -33.78
N PRO A 275 14.96 -17.22 -32.46
CA PRO A 275 16.16 -17.54 -31.70
C PRO A 275 16.47 -19.03 -31.88
N ALA A 276 17.71 -19.31 -32.26
CA ALA A 276 18.16 -20.68 -32.59
C ALA A 276 18.02 -21.63 -31.38
N ASN A 277 18.08 -21.12 -30.16
CA ASN A 277 17.99 -21.99 -28.96
C ASN A 277 16.65 -21.84 -28.28
N SER A 278 15.61 -21.40 -29.00
CA SER A 278 14.24 -21.36 -28.39
C SER A 278 13.86 -22.80 -28.01
N GLU A 279 12.99 -22.95 -27.01
CA GLU A 279 12.50 -24.28 -26.59
C GLU A 279 11.56 -24.82 -27.67
N ILE A 280 10.60 -24.02 -28.07
CA ILE A 280 9.47 -24.45 -28.93
C ILE A 280 9.14 -23.31 -29.85
N VAL A 281 8.93 -23.61 -31.12
CA VAL A 281 8.48 -22.56 -32.07
C VAL A 281 7.24 -23.08 -32.81
N LEU A 282 6.18 -22.27 -32.85
CA LEU A 282 5.03 -22.44 -33.75
C LEU A 282 5.26 -21.58 -34.99
N GLU A 283 5.12 -22.16 -36.18
CA GLU A 283 5.20 -21.40 -37.46
C GLU A 283 3.82 -21.47 -38.11
N GLY A 284 3.34 -20.35 -38.61
CA GLY A 284 2.05 -20.30 -39.30
C GLY A 284 1.70 -18.91 -39.76
N THR A 285 0.41 -18.57 -39.59
CA THR A 285 -0.14 -17.29 -40.05
C THR A 285 -1.03 -16.65 -38.99
N LEU A 286 -1.10 -15.33 -39.06
CA LEU A 286 -2.09 -14.51 -38.32
C LEU A 286 -3.09 -14.00 -39.36
N SER A 287 -4.36 -14.28 -39.15
CA SER A 287 -5.44 -13.84 -40.07
C SER A 287 -5.63 -12.34 -39.96
N THR A 288 -5.91 -11.66 -41.07
CA THR A 288 -6.40 -10.25 -41.03
C THR A 288 -7.93 -10.16 -41.14
N THR A 289 -8.62 -11.27 -41.37
CA THR A 289 -10.09 -11.35 -41.58
C THR A 289 -10.76 -12.20 -40.50
N LYS A 290 -10.25 -13.40 -40.21
CA LYS A 290 -11.01 -14.36 -39.36
C LYS A 290 -10.76 -14.05 -37.88
N MET A 291 -11.82 -14.15 -37.09
CA MET A 291 -11.80 -14.00 -35.62
C MET A 291 -12.48 -15.21 -35.00
N ALA A 292 -12.16 -15.54 -33.75
CA ALA A 292 -12.83 -16.56 -32.92
C ALA A 292 -13.00 -16.02 -31.52
N PRO A 293 -13.95 -16.59 -30.76
CA PRO A 293 -14.12 -16.26 -29.35
C PRO A 293 -12.75 -16.42 -28.68
N GLU A 294 -12.27 -15.33 -28.09
CA GLU A 294 -11.02 -15.34 -27.25
C GLU A 294 -11.38 -14.90 -25.83
N GLY A 295 -10.80 -15.58 -24.86
CA GLY A 295 -11.06 -15.21 -23.47
C GLY A 295 -12.32 -15.90 -22.97
N PRO A 296 -12.72 -15.66 -21.72
CA PRO A 296 -12.00 -14.69 -20.86
C PRO A 296 -10.67 -15.28 -20.34
N PHE A 297 -9.88 -14.44 -19.69
CA PHE A 297 -8.54 -14.82 -19.17
C PHE A 297 -8.33 -14.11 -17.83
N GLY A 298 -7.91 -14.81 -16.77
CA GLY A 298 -7.49 -14.17 -15.50
C GLY A 298 -6.28 -13.29 -15.76
N GLU A 299 -6.45 -12.00 -15.54
N GLU A 299 -6.47 -11.98 -15.71
CA GLU A 299 -5.67 -10.96 -16.23
CA GLU A 299 -5.52 -11.01 -16.29
C GLU A 299 -4.91 -10.13 -15.19
C GLU A 299 -4.77 -10.25 -15.19
N MET A 300 -3.96 -9.31 -15.64
CA MET A 300 -2.92 -8.62 -14.83
C MET A 300 -3.55 -7.79 -13.70
N HIS A 301 -4.85 -7.49 -13.72
CA HIS A 301 -5.47 -6.63 -12.68
C HIS A 301 -6.08 -7.49 -11.60
N GLY A 302 -6.15 -8.81 -11.80
CA GLY A 302 -6.58 -9.79 -10.80
C GLY A 302 -7.99 -10.30 -11.04
N TYR A 303 -8.54 -10.16 -12.24
CA TYR A 303 -9.97 -10.49 -12.50
C TYR A 303 -10.07 -11.48 -13.64
N VAL A 304 -11.03 -12.38 -13.52
CA VAL A 304 -11.60 -13.09 -14.70
C VAL A 304 -13.11 -12.89 -14.68
N TYR A 305 -13.70 -12.69 -15.85
CA TYR A 305 -15.18 -12.54 -16.03
C TYR A 305 -15.76 -13.77 -16.72
N PRO A 306 -16.26 -14.78 -15.95
CA PRO A 306 -16.75 -16.03 -16.52
C PRO A 306 -17.76 -15.76 -17.66
N GLY A 307 -17.55 -16.39 -18.83
CA GLY A 307 -18.40 -16.26 -20.04
C GLY A 307 -18.09 -15.06 -20.92
N GLU A 308 -17.23 -14.12 -20.52
CA GLU A 308 -17.06 -12.84 -21.26
C GLU A 308 -15.92 -12.98 -22.28
N SER A 309 -16.19 -13.72 -23.36
CA SER A 309 -15.27 -13.78 -24.53
C SER A 309 -15.43 -12.50 -25.34
N HIS A 310 -14.43 -12.16 -26.13
CA HIS A 310 -14.45 -11.10 -27.15
C HIS A 310 -13.79 -11.70 -28.37
N PRO A 311 -14.20 -11.30 -29.58
CA PRO A 311 -13.53 -11.79 -30.78
C PRO A 311 -12.06 -11.42 -30.80
N GLY A 312 -11.22 -12.40 -31.14
CA GLY A 312 -9.78 -12.15 -31.35
C GLY A 312 -9.31 -12.82 -32.65
N PRO A 313 -8.26 -12.30 -33.29
CA PRO A 313 -7.69 -12.91 -34.47
C PRO A 313 -7.32 -14.39 -34.28
N VAL A 314 -7.40 -15.11 -35.39
CA VAL A 314 -7.01 -16.54 -35.49
C VAL A 314 -5.57 -16.65 -35.98
N TYR A 315 -4.78 -17.40 -35.22
CA TYR A 315 -3.44 -17.86 -35.62
C TYR A 315 -3.59 -19.31 -36.10
N THR A 316 -3.01 -19.64 -37.23
CA THR A 316 -3.06 -21.01 -37.75
C THR A 316 -1.65 -21.59 -37.66
N VAL A 317 -1.49 -22.74 -37.03
CA VAL A 317 -0.18 -23.40 -36.81
C VAL A 317 0.03 -24.44 -37.90
N ASN A 318 1.15 -24.34 -38.62
CA ASN A 318 1.46 -25.25 -39.75
C ASN A 318 2.67 -26.13 -39.42
N LYS A 319 3.56 -25.69 -38.52
CA LYS A 319 4.72 -26.50 -38.10
C LYS A 319 5.09 -26.09 -36.68
N ILE A 320 5.54 -27.08 -35.91
CA ILE A 320 6.08 -26.93 -34.55
C ILE A 320 7.47 -27.51 -34.60
N THR A 321 8.48 -26.75 -34.20
CA THR A 321 9.84 -27.29 -34.01
C THR A 321 10.19 -27.08 -32.55
N TYR A 322 10.98 -27.97 -31.99
CA TYR A 322 11.26 -27.94 -30.55
C TYR A 322 12.56 -28.66 -30.23
N ARG A 323 13.15 -28.21 -29.14
CA ARG A 323 14.32 -28.85 -28.49
C ARG A 323 13.91 -30.18 -27.87
N ASN A 324 14.87 -31.11 -27.82
CA ASN A 324 14.79 -32.24 -26.89
C ASN A 324 14.43 -31.72 -25.49
N ASN A 325 13.48 -32.37 -24.83
CA ASN A 325 13.14 -32.06 -23.41
C ASN A 325 12.62 -30.62 -23.30
N ALA A 326 11.95 -30.14 -24.34
CA ALA A 326 11.40 -28.75 -24.40
C ALA A 326 10.59 -28.33 -23.14
N ILE A 327 10.76 -27.07 -22.77
CA ILE A 327 10.10 -26.41 -21.62
C ILE A 327 9.21 -25.28 -22.16
N LEU A 328 7.93 -25.31 -21.80
CA LEU A 328 6.98 -24.21 -22.09
C LEU A 328 6.95 -23.31 -20.85
N PRO A 329 7.31 -22.00 -20.93
CA PRO A 329 7.17 -21.14 -19.76
C PRO A 329 5.70 -20.72 -19.67
N MET A 330 5.29 -20.45 -18.45
CA MET A 330 3.88 -20.14 -18.15
C MET A 330 3.82 -19.09 -17.03
N SER A 331 3.03 -18.04 -17.27
CA SER A 331 2.70 -16.98 -16.30
C SER A 331 1.26 -17.19 -15.86
N ALA A 332 1.07 -17.58 -14.62
CA ALA A 332 -0.25 -17.72 -13.97
C ALA A 332 -0.59 -16.37 -13.37
N CYS A 333 -1.01 -15.42 -14.19
CA CYS A 333 -1.11 -14.02 -13.74
C CYS A 333 -2.44 -13.81 -13.01
N GLY A 334 -2.52 -12.69 -12.32
CA GLY A 334 -3.68 -12.40 -11.48
C GLY A 334 -3.30 -11.42 -10.39
N ARG A 335 -3.74 -11.70 -9.17
CA ARG A 335 -3.41 -10.85 -8.01
C ARG A 335 -1.90 -10.96 -7.77
N LEU A 336 -1.36 -10.01 -7.02
CA LEU A 336 0.09 -9.90 -6.77
C LEU A 336 0.76 -11.21 -6.33
N THR A 337 1.97 -11.54 -6.79
CA THR A 337 2.80 -10.78 -7.71
C THR A 337 3.33 -11.71 -8.81
N ASP A 338 3.11 -11.35 -10.05
CA ASP A 338 3.53 -12.18 -11.19
C ASP A 338 4.18 -11.29 -12.25
N GLU A 339 4.45 -11.89 -13.41
CA GLU A 339 5.16 -11.26 -14.55
C GLU A 339 4.42 -10.02 -15.03
N THR A 340 3.09 -9.99 -14.94
CA THR A 340 2.34 -8.79 -15.41
C THR A 340 2.70 -7.60 -14.53
N GLN A 341 3.02 -7.80 -13.25
CA GLN A 341 3.35 -6.61 -12.43
C GLN A 341 4.86 -6.36 -12.45
N THR A 342 5.66 -7.42 -12.48
CA THR A 342 7.15 -7.29 -12.42
C THR A 342 7.72 -6.81 -13.75
N MET A 343 7.02 -7.06 -14.88
CA MET A 343 7.50 -6.74 -16.24
C MET A 343 6.63 -5.68 -16.91
N ILE A 344 5.31 -5.85 -17.02
CA ILE A 344 4.49 -4.89 -17.83
C ILE A 344 4.56 -3.50 -17.19
N GLY A 345 4.21 -3.37 -15.91
CA GLY A 345 4.20 -2.07 -15.23
C GLY A 345 5.57 -1.43 -15.20
N THR A 346 6.57 -2.20 -14.82
CA THR A 346 7.93 -1.67 -14.55
C THR A 346 8.60 -1.28 -15.87
N LEU A 347 8.40 -2.04 -16.95
CA LEU A 347 9.05 -1.65 -18.22
C LEU A 347 8.30 -0.48 -18.83
N ALA A 348 7.00 -0.37 -18.58
CA ALA A 348 6.25 0.82 -18.98
C ALA A 348 6.83 2.03 -18.22
N ALA A 349 7.04 1.86 -16.93
CA ALA A 349 7.62 2.91 -16.07
C ALA A 349 8.98 3.35 -16.62
N ALA A 350 9.83 2.42 -17.05
CA ALA A 350 11.15 2.73 -17.65
C ALA A 350 10.97 3.61 -18.89
N GLU A 351 10.07 3.22 -19.81
CA GLU A 351 9.88 3.99 -21.06
C GLU A 351 9.24 5.34 -20.74
N ILE A 352 8.37 5.41 -19.73
CA ILE A 352 7.79 6.69 -19.27
C ILE A 352 8.91 7.61 -18.76
N ARG A 353 9.86 7.09 -18.01
CA ARG A 353 11.02 7.85 -17.52
C ARG A 353 11.75 8.49 -18.70
N GLN A 354 11.98 7.69 -19.73
CA GLN A 354 12.70 8.16 -20.95
C GLN A 354 11.88 9.23 -21.69
N LEU A 355 10.58 9.06 -21.85
CA LEU A 355 9.63 10.06 -22.44
C LEU A 355 9.81 11.39 -21.70
N CYS A 356 9.76 11.35 -20.37
CA CYS A 356 9.82 12.56 -19.51
C CYS A 356 11.19 13.23 -19.70
N GLN A 357 12.26 12.45 -19.63
CA GLN A 357 13.61 13.03 -19.81
C GLN A 357 13.78 13.63 -21.22
N ASP A 358 13.29 12.97 -22.27
CA ASP A 358 13.37 13.49 -23.67
C ASP A 358 12.59 14.82 -23.79
N ALA A 359 11.45 14.96 -23.07
CA ALA A 359 10.65 16.20 -23.01
C ALA A 359 11.35 17.32 -22.23
N GLY A 360 12.45 17.01 -21.53
CA GLY A 360 13.15 18.01 -20.69
C GLY A 360 12.55 18.17 -19.29
N LEU A 361 11.71 17.23 -18.86
CA LEU A 361 11.20 17.24 -17.47
C LEU A 361 12.26 16.69 -16.51
N PRO A 362 12.39 17.27 -15.29
CA PRO A 362 13.44 16.87 -14.36
C PRO A 362 13.04 15.61 -13.60
N ILE A 363 12.76 14.53 -14.33
CA ILE A 363 12.40 13.20 -13.76
C ILE A 363 13.65 12.32 -13.68
N THR A 364 14.06 11.86 -12.50
CA THR A 364 15.27 11.02 -12.31
C THR A 364 14.94 9.52 -12.32
N ASP A 365 13.75 9.16 -11.84
CA ASP A 365 13.42 7.74 -11.55
C ASP A 365 11.93 7.55 -11.79
N ALA A 366 11.55 6.35 -12.19
CA ALA A 366 10.15 5.97 -12.36
C ALA A 366 10.02 4.51 -11.98
N PHE A 367 8.94 4.19 -11.30
CA PHE A 367 8.64 2.81 -10.96
C PHE A 367 7.13 2.62 -10.93
N ALA A 368 6.68 1.40 -11.09
CA ALA A 368 5.26 1.04 -11.04
C ALA A 368 5.01 0.30 -9.73
N PRO A 369 4.58 1.02 -8.66
CA PRO A 369 4.46 0.37 -7.35
C PRO A 369 3.50 -0.82 -7.43
N PHE A 370 3.82 -1.92 -6.77
CA PHE A 370 3.01 -3.16 -6.83
C PHE A 370 1.62 -2.87 -6.25
N VAL A 371 1.49 -2.02 -5.22
CA VAL A 371 0.17 -1.60 -4.67
C VAL A 371 -0.76 -1.04 -5.79
N GLY A 372 -0.22 -0.45 -6.87
CA GLY A 372 -1.05 0.13 -7.95
C GLY A 372 -1.56 -0.92 -8.93
N GLN A 373 -1.25 -2.21 -8.72
CA GLN A 373 -1.73 -3.31 -9.61
C GLN A 373 -1.37 -2.99 -11.07
N ALA A 374 -0.16 -2.46 -11.28
CA ALA A 374 0.44 -2.06 -12.57
C ALA A 374 -0.38 -0.99 -13.32
N THR A 375 -1.17 -0.18 -12.59
CA THR A 375 -1.91 0.98 -13.17
C THR A 375 -1.31 2.30 -12.72
N TRP A 376 -0.37 2.27 -11.75
CA TRP A 376 0.32 3.48 -11.20
C TRP A 376 1.79 3.51 -11.64
N VAL A 377 2.25 4.69 -11.93
CA VAL A 377 3.69 4.98 -12.03
C VAL A 377 4.00 6.21 -11.18
N ALA A 378 5.00 6.04 -10.33
CA ALA A 378 5.54 7.10 -9.47
C ALA A 378 6.77 7.66 -10.18
N LEU A 379 6.83 8.98 -10.32
CA LEU A 379 7.93 9.73 -10.96
C LEU A 379 8.65 10.59 -9.92
N LYS A 380 9.96 10.39 -9.79
CA LYS A 380 10.77 11.10 -8.80
C LYS A 380 11.33 12.33 -9.49
N VAL A 381 11.10 13.48 -8.89
CA VAL A 381 11.49 14.79 -9.48
C VAL A 381 12.78 15.25 -8.81
N ASP A 382 13.78 15.71 -9.56
CA ASP A 382 14.95 16.43 -9.00
C ASP A 382 14.45 17.83 -8.66
N THR A 383 14.23 18.11 -7.38
CA THR A 383 13.49 19.34 -6.97
C THR A 383 14.39 20.56 -7.16
N LYS A 384 15.71 20.39 -7.16
CA LYS A 384 16.64 21.50 -7.42
C LYS A 384 16.42 22.02 -8.85
N ARG A 385 16.31 21.13 -9.83
CA ARG A 385 16.00 21.50 -11.25
C ARG A 385 14.55 21.98 -11.40
N LEU A 386 13.60 21.45 -10.66
CA LEU A 386 12.18 21.92 -10.71
C LEU A 386 12.13 23.41 -10.29
N ARG A 387 12.87 23.80 -9.27
CA ARG A 387 12.86 25.21 -8.77
C ARG A 387 13.45 26.13 -9.82
N ALA A 388 14.48 25.69 -10.57
CA ALA A 388 15.05 26.46 -11.69
C ALA A 388 14.00 26.73 -12.78
N MET A 389 12.93 25.93 -12.92
CA MET A 389 11.87 26.11 -13.95
C MET A 389 10.81 27.13 -13.53
N LYS A 390 10.73 27.50 -12.25
CA LYS A 390 9.82 28.55 -11.72
C LYS A 390 8.39 28.27 -12.18
N THR A 391 7.90 27.06 -11.93
CA THR A 391 6.53 26.66 -12.33
C THR A 391 5.76 26.35 -11.05
N ASN A 392 4.61 25.66 -11.17
CA ASN A 392 3.76 25.27 -10.03
C ASN A 392 3.19 23.87 -10.31
N GLY A 393 2.65 23.25 -9.28
CA GLY A 393 2.10 21.88 -9.32
C GLY A 393 1.05 21.74 -10.42
N LYS A 394 0.16 22.70 -10.58
CA LYS A 394 -1.00 22.59 -11.51
C LYS A 394 -0.51 22.53 -12.95
N ALA A 395 0.39 23.45 -13.31
CA ALA A 395 1.00 23.59 -14.65
C ALA A 395 1.85 22.33 -14.94
N PHE A 396 2.69 21.92 -13.99
CA PHE A 396 3.66 20.80 -14.12
C PHE A 396 2.90 19.48 -14.28
N ALA A 397 1.85 19.25 -13.50
CA ALA A 397 1.05 18.00 -13.57
C ALA A 397 0.42 17.88 -14.96
N LYS A 398 -0.12 18.98 -15.50
CA LYS A 398 -0.73 19.03 -16.85
C LYS A 398 0.33 18.65 -17.87
N ARG A 399 1.52 19.26 -17.81
CA ARG A 399 2.62 19.04 -18.76
C ARG A 399 3.05 17.57 -18.77
N VAL A 400 3.27 16.99 -17.59
CA VAL A 400 3.67 15.57 -17.45
C VAL A 400 2.59 14.68 -18.08
N GLY A 401 1.33 14.90 -17.76
CA GLY A 401 0.24 14.11 -18.35
C GLY A 401 0.15 14.28 -19.87
N ASP A 402 0.32 15.50 -20.38
CA ASP A 402 0.35 15.74 -21.87
C ASP A 402 1.51 14.96 -22.54
N VAL A 403 2.68 14.95 -21.92
CA VAL A 403 3.87 14.25 -22.45
C VAL A 403 3.61 12.73 -22.43
N VAL A 404 3.09 12.17 -21.32
CA VAL A 404 3.04 10.69 -21.13
C VAL A 404 1.78 10.06 -21.70
N PHE A 405 0.62 10.64 -21.46
CA PHE A 405 -0.67 9.97 -21.75
C PHE A 405 -1.02 10.01 -23.24
N THR A 406 -0.25 10.77 -24.04
CA THR A 406 -0.43 10.86 -25.51
C THR A 406 0.54 9.91 -26.20
N GLN A 407 1.33 9.12 -25.47
CA GLN A 407 2.37 8.26 -26.10
C GLN A 407 2.10 6.79 -25.70
N LYS A 408 2.49 5.87 -26.57
CA LYS A 408 2.19 4.43 -26.36
C LYS A 408 2.68 3.87 -25.02
N PRO A 409 3.88 4.22 -24.50
CA PRO A 409 4.30 3.74 -23.19
C PRO A 409 3.37 4.11 -22.01
N GLY A 410 2.57 5.17 -22.15
CA GLY A 410 1.59 5.55 -21.12
C GLY A 410 0.28 4.82 -21.20
N PHE A 411 0.07 3.96 -22.18
CA PHE A 411 -1.21 3.29 -22.47
C PHE A 411 -1.82 2.61 -21.22
N THR A 412 -1.07 1.75 -20.55
CA THR A 412 -1.57 0.86 -19.47
C THR A 412 -1.69 1.65 -18.15
N ILE A 413 -1.14 2.83 -18.09
CA ILE A 413 -0.96 3.56 -16.78
C ILE A 413 -2.08 4.60 -16.67
N HIS A 414 -2.81 4.60 -15.55
CA HIS A 414 -3.96 5.50 -15.35
C HIS A 414 -3.65 6.54 -14.29
N ARG A 415 -2.67 6.30 -13.44
CA ARG A 415 -2.30 7.31 -12.41
C ARG A 415 -0.79 7.53 -12.41
N LEU A 416 -0.37 8.78 -12.67
CA LEU A 416 1.04 9.22 -12.50
C LEU A 416 1.11 10.00 -11.19
N ILE A 417 2.02 9.60 -10.31
CA ILE A 417 2.25 10.28 -9.00
C ILE A 417 3.60 10.97 -9.03
N LEU A 418 3.62 12.31 -8.93
CA LEU A 418 4.86 13.10 -8.93
C LEU A 418 5.29 13.27 -7.48
N VAL A 419 6.48 12.83 -7.17
CA VAL A 419 7.03 12.96 -5.80
C VAL A 419 8.41 13.63 -5.86
N GLY A 420 8.79 14.30 -4.76
CA GLY A 420 10.12 14.91 -4.64
C GLY A 420 11.22 13.90 -4.38
N ASP A 421 12.47 14.37 -4.30
CA ASP A 421 13.66 13.47 -4.23
C ASP A 421 13.99 12.98 -2.81
N ASP A 422 13.18 13.23 -1.77
CA ASP A 422 13.31 12.47 -0.49
C ASP A 422 12.51 11.13 -0.57
N ILE A 423 11.74 10.88 -1.64
CA ILE A 423 10.86 9.68 -1.71
C ILE A 423 11.54 8.60 -2.56
N ASP A 424 11.62 7.38 -2.06
CA ASP A 424 12.15 6.21 -2.79
C ASP A 424 10.99 5.68 -3.66
N VAL A 425 10.98 5.96 -4.97
CA VAL A 425 9.83 5.52 -5.84
C VAL A 425 9.81 3.99 -5.95
N TYR A 426 10.90 3.32 -5.62
CA TYR A 426 11.01 1.83 -5.67
C TYR A 426 10.41 1.19 -4.42
N ASP A 427 9.95 1.99 -3.45
CA ASP A 427 9.42 1.51 -2.14
C ASP A 427 7.95 1.93 -2.07
N ASP A 428 7.05 0.98 -2.08
CA ASP A 428 5.58 1.21 -2.10
C ASP A 428 5.18 2.04 -0.87
N LYS A 429 5.84 1.82 0.25
CA LYS A 429 5.52 2.55 1.52
C LYS A 429 5.85 4.03 1.38
N ASP A 430 7.00 4.40 0.78
CA ASP A 430 7.32 5.84 0.58
C ASP A 430 6.35 6.48 -0.40
N VAL A 431 6.02 5.81 -1.51
CA VAL A 431 5.09 6.40 -2.50
C VAL A 431 3.73 6.62 -1.84
N MET A 432 3.22 5.66 -1.09
CA MET A 432 1.91 5.81 -0.41
C MET A 432 2.00 6.94 0.63
N TRP A 433 3.12 7.07 1.33
CA TRP A 433 3.25 8.18 2.31
C TRP A 433 3.18 9.52 1.60
N ALA A 434 3.93 9.69 0.53
CA ALA A 434 3.89 10.94 -0.24
C ALA A 434 2.48 11.19 -0.79
N PHE A 435 1.88 10.20 -1.46
CA PHE A 435 0.57 10.38 -2.14
C PHE A 435 -0.50 10.87 -1.13
N THR A 436 -0.53 10.26 0.02
CA THR A 436 -1.64 10.44 1.01
C THR A 436 -1.38 11.71 1.87
N THR A 437 -0.16 12.25 1.94
CA THR A 437 0.14 13.43 2.78
C THR A 437 0.50 14.65 1.94
N ARG A 438 0.84 14.50 0.64
CA ARG A 438 1.29 15.68 -0.16
C ARG A 438 0.40 16.04 -1.33
N CYS A 439 -0.55 15.18 -1.71
CA CYS A 439 -1.48 15.42 -2.83
C CYS A 439 -2.92 15.64 -2.29
N ARG A 440 -3.35 16.89 -2.26
CA ARG A 440 -4.74 17.27 -1.86
C ARG A 440 -5.70 16.68 -2.88
N PRO A 441 -6.57 15.73 -2.51
CA PRO A 441 -7.47 15.11 -3.48
C PRO A 441 -8.23 16.18 -4.27
N GLY A 442 -8.31 16.02 -5.60
CA GLY A 442 -9.02 16.95 -6.50
C GLY A 442 -8.17 18.16 -6.81
N THR A 443 -7.93 19.04 -5.82
CA THR A 443 -7.16 20.28 -5.97
C THR A 443 -5.82 20.05 -6.68
N ASP A 444 -5.09 19.00 -6.28
CA ASP A 444 -3.69 18.77 -6.69
C ASP A 444 -3.65 17.70 -7.77
N GLU A 445 -4.76 17.48 -8.47
CA GLU A 445 -4.84 16.42 -9.49
C GLU A 445 -5.29 17.06 -10.81
N VAL A 446 -4.73 16.56 -11.90
CA VAL A 446 -5.20 16.96 -13.26
C VAL A 446 -5.78 15.69 -13.92
N PHE A 447 -7.04 15.74 -14.28
CA PHE A 447 -7.76 14.59 -14.86
C PHE A 447 -7.67 14.71 -16.37
N PHE A 448 -7.55 13.55 -17.02
CA PHE A 448 -7.42 13.46 -18.51
C PHE A 448 -8.54 12.58 -19.01
N ASP A 449 -9.59 13.15 -19.62
CA ASP A 449 -10.73 12.32 -20.06
C ASP A 449 -10.68 12.14 -21.58
N ASP A 450 -9.72 12.72 -22.29
CA ASP A 450 -9.72 12.65 -23.78
C ASP A 450 -8.56 11.79 -24.27
N VAL A 451 -7.82 11.15 -23.36
CA VAL A 451 -6.65 10.32 -23.73
C VAL A 451 -7.13 8.89 -23.94
N VAL A 452 -6.32 8.09 -24.62
CA VAL A 452 -6.61 6.64 -24.78
C VAL A 452 -6.55 5.98 -23.40
N GLY A 453 -7.56 5.15 -23.09
CA GLY A 453 -7.63 4.41 -21.82
C GLY A 453 -7.46 2.92 -22.03
N PHE A 454 -7.00 2.22 -21.00
CA PHE A 454 -6.72 0.77 -21.03
C PHE A 454 -7.97 -0.02 -20.66
N GLN A 455 -8.59 -0.71 -21.65
CA GLN A 455 -9.94 -1.25 -21.47
C GLN A 455 -9.92 -2.50 -20.59
N LEU A 456 -8.75 -3.09 -20.33
CA LEU A 456 -8.66 -4.32 -19.49
C LEU A 456 -8.94 -3.98 -18.02
N ILE A 457 -8.71 -2.75 -17.60
CA ILE A 457 -8.91 -2.38 -16.17
C ILE A 457 -10.42 -2.46 -15.92
N PRO A 458 -10.90 -3.20 -14.90
CA PRO A 458 -12.35 -3.33 -14.72
C PRO A 458 -13.15 -2.03 -14.60
N TYR A 459 -12.59 -0.97 -14.00
CA TYR A 459 -13.31 0.33 -13.92
C TYR A 459 -13.48 0.98 -15.31
N MET A 460 -12.77 0.46 -16.31
CA MET A 460 -12.88 0.92 -17.71
C MET A 460 -13.91 0.06 -18.44
N SER A 461 -13.63 -1.23 -18.65
CA SER A 461 -14.51 -2.10 -19.47
C SER A 461 -15.81 -2.45 -18.73
N HIS A 462 -15.84 -2.43 -17.40
CA HIS A 462 -17.03 -2.75 -16.56
C HIS A 462 -17.41 -1.57 -15.68
N GLY A 463 -17.22 -0.37 -16.21
CA GLY A 463 -17.29 0.89 -15.48
C GLY A 463 -18.42 1.80 -15.94
N ASN A 464 -18.34 3.06 -15.57
CA ASN A 464 -19.42 4.06 -15.76
C ASN A 464 -19.19 4.96 -16.97
N ALA A 465 -18.08 4.83 -17.70
CA ALA A 465 -17.80 5.72 -18.86
C ALA A 465 -17.17 4.91 -20.00
N GLU A 466 -16.63 5.58 -21.02
CA GLU A 466 -16.13 4.90 -22.24
C GLU A 466 -14.98 3.96 -21.85
N ALA A 467 -14.97 2.71 -22.35
CA ALA A 467 -13.98 1.68 -21.97
C ALA A 467 -12.57 2.05 -22.49
N ILE A 468 -12.49 2.79 -23.59
CA ILE A 468 -11.20 3.00 -24.32
C ILE A 468 -10.80 4.46 -24.24
N LYS A 469 -11.48 5.26 -23.41
CA LYS A 469 -11.15 6.69 -23.36
C LYS A 469 -11.21 7.27 -21.96
N GLY A 470 -10.15 7.98 -21.56
CA GLY A 470 -10.13 8.80 -20.33
C GLY A 470 -9.83 7.96 -19.09
N GLY A 471 -10.22 8.45 -17.91
CA GLY A 471 -10.02 7.73 -16.66
C GLY A 471 -8.60 7.87 -16.15
N LYS A 472 -7.87 8.89 -16.59
CA LYS A 472 -6.45 9.06 -16.17
C LYS A 472 -6.27 10.31 -15.30
N VAL A 473 -5.22 10.31 -14.52
CA VAL A 473 -4.92 11.42 -13.57
C VAL A 473 -3.39 11.52 -13.44
N VAL A 474 -2.95 12.75 -13.26
CA VAL A 474 -1.63 13.04 -12.65
C VAL A 474 -1.85 13.64 -11.27
N SER A 475 -1.28 13.00 -10.26
CA SER A 475 -1.38 13.42 -8.84
C SER A 475 -0.09 14.16 -8.45
N ASP A 476 -0.19 15.46 -8.19
CA ASP A 476 0.98 16.27 -7.77
C ASP A 476 1.23 16.03 -6.26
N ALA A 477 2.14 15.14 -5.89
CA ALA A 477 2.48 14.84 -4.49
C ALA A 477 3.80 15.54 -4.15
N LEU A 478 4.06 16.70 -4.76
CA LEU A 478 5.10 17.63 -4.27
C LEU A 478 4.38 18.69 -3.45
N LEU A 479 4.89 19.06 -2.29
CA LEU A 479 4.24 20.14 -1.51
C LEU A 479 4.56 21.47 -2.19
N THR A 480 3.70 22.46 -1.96
CA THR A 480 3.76 23.80 -2.60
C THR A 480 5.18 24.38 -2.57
N ALA A 481 5.92 24.27 -1.46
CA ALA A 481 7.21 24.98 -1.28
C ALA A 481 8.27 24.32 -2.16
N GLU A 482 8.04 23.07 -2.57
CA GLU A 482 9.05 22.34 -3.35
C GLU A 482 9.23 23.01 -4.72
N TYR A 483 8.25 23.76 -5.19
CA TYR A 483 8.25 24.42 -6.52
C TYR A 483 8.96 25.77 -6.42
N THR A 484 9.09 26.33 -5.22
CA THR A 484 9.53 27.73 -4.96
C THR A 484 10.83 27.72 -4.17
N THR A 485 10.75 27.60 -2.84
CA THR A 485 11.85 27.88 -1.87
C THR A 485 12.55 26.60 -1.40
N GLY A 486 11.87 25.46 -1.42
CA GLY A 486 12.53 24.20 -1.04
C GLY A 486 11.83 23.55 0.12
N LYS A 487 12.30 22.35 0.43
CA LYS A 487 11.84 21.49 1.54
C LYS A 487 12.00 22.27 2.83
N ASP A 488 10.88 22.52 3.53
CA ASP A 488 10.84 23.31 4.80
C ASP A 488 10.43 22.39 5.97
N TRP A 489 10.34 21.07 5.77
CA TRP A 489 9.93 20.11 6.82
C TRP A 489 11.07 19.13 7.06
N GLU A 490 10.89 18.33 8.07
CA GLU A 490 11.76 17.22 8.46
C GLU A 490 10.85 16.04 8.72
N SER A 491 11.16 14.86 8.19
CA SER A 491 10.39 13.64 8.49
C SER A 491 10.46 13.31 9.97
N ALA A 492 9.31 12.95 10.55
CA ALA A 492 9.16 12.44 11.92
C ALA A 492 9.44 10.94 11.87
N ASP A 493 10.70 10.58 11.56
CA ASP A 493 11.15 9.18 11.56
C ASP A 493 12.56 9.12 12.19
N PHE A 494 13.00 7.92 12.48
CA PHE A 494 14.31 7.64 13.10
C PHE A 494 15.43 8.32 12.32
N LYS A 495 15.41 8.24 10.99
CA LYS A 495 16.52 8.78 10.13
C LYS A 495 16.61 10.31 10.17
N ASN A 496 15.50 11.03 10.32
CA ASN A 496 15.53 12.48 10.04
C ASN A 496 15.21 13.31 11.30
N SER A 497 14.68 12.71 12.37
CA SER A 497 14.20 13.48 13.55
C SER A 497 15.16 13.36 14.71
N TYR A 498 16.28 12.63 14.57
CA TYR A 498 17.23 12.36 15.67
C TYR A 498 18.62 12.63 15.11
N PRO A 499 19.54 13.23 15.90
CA PRO A 499 20.91 13.40 15.45
C PRO A 499 21.58 12.04 15.15
N LYS A 500 22.53 12.05 14.21
CA LYS A 500 23.35 10.84 13.89
C LYS A 500 23.96 10.24 15.16
N SER A 501 24.47 11.07 16.06
CA SER A 501 25.09 10.60 17.33
C SER A 501 24.06 9.83 18.17
N ILE A 502 22.81 10.29 18.18
CA ILE A 502 21.72 9.54 18.87
C ILE A 502 21.43 8.26 18.06
N GLN A 503 21.29 8.34 16.75
CA GLN A 503 20.96 7.13 15.91
C GLN A 503 21.99 6.02 16.17
N ASP A 504 23.29 6.38 16.13
CA ASP A 504 24.38 5.37 16.32
C ASP A 504 24.35 4.81 17.73
N LYS A 505 24.15 5.65 18.74
CA LYS A 505 24.00 5.19 20.15
C LYS A 505 22.90 4.13 20.19
N VAL A 506 21.75 4.40 19.56
CA VAL A 506 20.62 3.42 19.62
C VAL A 506 20.99 2.13 18.85
N LEU A 507 21.50 2.24 17.62
CA LEU A 507 21.85 1.06 16.78
C LEU A 507 22.90 0.19 17.52
N ASN A 508 23.89 0.80 18.19
CA ASN A 508 24.94 0.03 18.90
C ASN A 508 24.36 -0.63 20.16
N SER A 509 23.31 -0.06 20.79
CA SER A 509 22.66 -0.59 22.02
C SER A 509 21.60 -1.65 21.70
N TRP A 510 21.06 -1.64 20.48
CA TRP A 510 19.76 -2.30 20.13
C TRP A 510 19.69 -3.74 20.62
N GLU A 511 20.58 -4.60 20.12
CA GLU A 511 20.52 -6.03 20.47
C GLU A 511 20.84 -6.29 21.94
N ARG A 512 21.81 -5.56 22.51
CA ARG A 512 22.20 -5.72 23.94
C ARG A 512 20.95 -5.50 24.81
N LEU A 513 20.18 -4.46 24.51
CA LEU A 513 18.93 -4.12 25.26
C LEU A 513 17.87 -5.24 25.17
N GLY A 514 17.82 -6.04 24.10
CA GLY A 514 16.86 -7.15 23.93
C GLY A 514 15.89 -6.95 22.75
N PHE A 515 16.10 -5.94 21.90
CA PHE A 515 15.36 -5.73 20.63
C PHE A 515 15.89 -6.70 19.57
N LYS A 516 15.12 -6.92 18.50
CA LYS A 516 15.49 -7.93 17.47
C LYS A 516 16.45 -7.28 16.44
N LYS A 517 17.35 -8.08 15.83
CA LYS A 517 18.48 -7.64 14.96
C LYS A 517 18.14 -6.53 13.93
N PRO B 22 -6.02 -5.97 37.26
CA PRO B 22 -6.56 -6.37 35.92
C PRO B 22 -6.15 -5.40 34.78
N PRO B 23 -5.48 -5.88 33.71
CA PRO B 23 -4.74 -4.97 32.80
C PRO B 23 -5.58 -3.86 32.10
N HIS B 24 -6.85 -4.13 31.77
CA HIS B 24 -7.69 -3.12 31.07
C HIS B 24 -8.14 -2.04 32.07
N LEU B 25 -8.01 -2.28 33.38
CA LEU B 25 -8.47 -1.36 34.46
C LEU B 25 -7.32 -0.69 35.20
N SER B 26 -6.08 -1.08 34.90
CA SER B 26 -4.87 -0.57 35.61
C SER B 26 -3.69 -0.55 34.66
N PHE B 27 -3.08 0.62 34.47
CA PHE B 27 -1.88 0.79 33.62
C PHE B 27 -0.71 -0.03 34.18
N ARG B 28 -0.56 -0.07 35.51
CA ARG B 28 0.54 -0.85 36.16
C ARG B 28 0.32 -2.33 35.82
N SER B 29 -0.92 -2.82 35.88
CA SER B 29 -1.25 -4.25 35.54
C SER B 29 -1.09 -4.47 34.04
N PHE B 30 -1.37 -3.46 33.23
CA PHE B 30 -1.15 -3.49 31.76
C PHE B 30 0.37 -3.69 31.48
N VAL B 31 1.24 -2.91 32.11
CA VAL B 31 2.71 -3.06 31.94
C VAL B 31 3.12 -4.49 32.32
N GLU B 32 2.58 -5.06 33.39
CA GLU B 32 2.93 -6.45 33.80
C GLU B 32 2.35 -7.43 32.77
N ALA B 33 1.15 -7.18 32.23
CA ALA B 33 0.62 -7.99 31.10
C ALA B 33 1.60 -7.94 29.90
N LEU B 34 2.17 -6.78 29.57
CA LEU B 34 3.09 -6.72 28.39
C LEU B 34 4.30 -7.60 28.72
N ARG B 35 4.76 -7.57 29.97
CA ARG B 35 5.95 -8.34 30.44
C ARG B 35 5.67 -9.83 30.23
N GLN B 36 4.49 -10.30 30.66
CA GLN B 36 4.07 -11.73 30.55
C GLN B 36 3.84 -12.14 29.09
N ASP B 37 3.44 -11.21 28.20
CA ASP B 37 3.30 -11.52 26.75
C ASP B 37 4.68 -11.61 26.10
N ASN B 38 5.74 -11.21 26.78
CA ASN B 38 7.07 -11.12 26.14
C ASN B 38 7.04 -9.96 25.14
N ASP B 39 6.35 -8.87 25.50
CA ASP B 39 6.10 -7.73 24.59
C ASP B 39 6.65 -6.44 25.21
N LEU B 40 7.62 -6.55 26.11
CA LEU B 40 8.16 -5.39 26.84
C LEU B 40 9.66 -5.60 27.09
N VAL B 41 10.47 -4.59 26.83
CA VAL B 41 11.90 -4.60 27.19
C VAL B 41 12.10 -3.70 28.42
N ASP B 42 12.56 -4.30 29.53
CA ASP B 42 12.95 -3.58 30.76
C ASP B 42 14.34 -2.97 30.55
N ILE B 43 14.42 -1.66 30.37
CA ILE B 43 15.72 -0.98 30.08
C ILE B 43 16.21 -0.35 31.39
N ASN B 44 17.27 -0.93 31.94
CA ASN B 44 17.79 -0.61 33.29
C ASN B 44 19.03 0.29 33.18
N GLU B 45 19.68 0.30 32.03
CA GLU B 45 20.78 1.25 31.73
C GLU B 45 20.20 2.66 31.76
N PRO B 46 20.95 3.69 32.20
CA PRO B 46 20.46 5.06 32.13
C PRO B 46 20.18 5.54 30.70
N VAL B 47 18.99 6.11 30.45
CA VAL B 47 18.59 6.63 29.11
C VAL B 47 18.23 8.10 29.25
N ASP B 48 18.68 8.92 28.32
CA ASP B 48 18.44 10.37 28.32
C ASP B 48 17.03 10.65 27.77
N PRO B 49 16.17 11.38 28.53
CA PRO B 49 14.87 11.81 28.01
C PRO B 49 14.98 12.90 26.93
N ASP B 50 16.15 13.52 26.79
CA ASP B 50 16.47 14.39 25.63
C ASP B 50 16.87 13.52 24.42
N LEU B 51 15.86 13.14 23.64
CA LEU B 51 15.94 12.51 22.28
C LEU B 51 16.25 11.03 22.33
N GLU B 52 17.01 10.51 23.31
CA GLU B 52 17.43 9.08 23.28
C GLU B 52 16.26 8.13 23.56
N ALA B 53 15.42 8.41 24.56
CA ALA B 53 14.25 7.53 24.86
C ALA B 53 13.32 7.50 23.63
N ALA B 54 13.09 8.65 23.05
CA ALA B 54 12.16 8.86 21.91
C ALA B 54 12.78 8.21 20.67
N ALA B 55 14.09 8.24 20.51
CA ALA B 55 14.75 7.58 19.35
C ALA B 55 14.57 6.08 19.44
N ILE B 56 14.74 5.47 20.61
CA ILE B 56 14.51 4.02 20.81
C ILE B 56 13.03 3.73 20.50
N THR B 57 12.12 4.54 21.04
CA THR B 57 10.68 4.30 20.83
C THR B 57 10.33 4.36 19.33
N ARG B 58 10.79 5.39 18.64
CA ARG B 58 10.57 5.62 17.20
C ARG B 58 11.05 4.39 16.43
N LEU B 59 12.21 3.85 16.76
CA LEU B 59 12.69 2.65 16.03
C LEU B 59 11.86 1.42 16.41
N VAL B 60 11.36 1.31 17.64
CA VAL B 60 10.43 0.22 18.03
C VAL B 60 9.20 0.32 17.09
N CYS B 61 8.65 1.52 16.96
CA CYS B 61 7.42 1.79 16.17
C CYS B 61 7.65 1.45 14.69
N GLU B 62 8.83 1.77 14.17
CA GLU B 62 9.15 1.54 12.73
C GLU B 62 9.47 0.07 12.46
N THR B 63 9.70 -0.77 13.46
CA THR B 63 10.04 -2.21 13.26
C THR B 63 9.06 -3.11 14.00
N ASP B 64 8.02 -2.57 14.63
CA ASP B 64 6.99 -3.37 15.36
C ASP B 64 7.64 -4.25 16.44
N ASP B 65 8.52 -3.70 17.26
CA ASP B 65 9.27 -4.48 18.27
C ASP B 65 8.56 -4.32 19.62
N LYS B 66 9.14 -4.88 20.68
CA LYS B 66 8.59 -4.83 22.06
C LYS B 66 8.57 -3.39 22.58
N ALA B 67 7.58 -3.06 23.40
CA ALA B 67 7.46 -1.73 24.04
C ALA B 67 8.67 -1.55 24.96
N PRO B 68 9.39 -0.42 24.88
CA PRO B 68 10.47 -0.10 25.81
C PRO B 68 9.94 0.51 27.10
N LEU B 69 10.25 -0.09 28.25
CA LEU B 69 10.09 0.55 29.59
C LEU B 69 11.44 1.08 30.10
N PHE B 70 11.62 2.41 30.11
CA PHE B 70 12.81 3.11 30.62
C PHE B 70 12.67 3.21 32.14
N ASN B 71 13.32 2.29 32.86
CA ASN B 71 13.33 2.19 34.35
C ASN B 71 14.34 3.19 34.96
N ASN B 72 15.24 3.72 34.14
CA ASN B 72 16.35 4.58 34.59
C ASN B 72 16.44 5.78 33.68
N VAL B 73 15.59 6.77 33.93
CA VAL B 73 15.57 8.01 33.13
C VAL B 73 16.52 9.01 33.81
N ILE B 74 17.48 9.53 33.06
CA ILE B 74 18.49 10.53 33.51
C ILE B 74 17.72 11.80 33.87
N GLY B 75 17.93 12.31 35.07
CA GLY B 75 17.28 13.55 35.53
C GLY B 75 16.04 13.24 36.34
N ALA B 76 15.69 11.95 36.51
CA ALA B 76 14.58 11.49 37.39
C ALA B 76 14.80 12.04 38.80
N LYS B 77 13.75 12.58 39.41
CA LYS B 77 13.79 13.36 40.66
C LYS B 77 12.65 12.88 41.54
N ASP B 78 12.95 12.50 42.79
CA ASP B 78 11.99 12.12 43.86
C ASP B 78 10.82 11.32 43.27
N GLY B 79 11.13 10.34 42.43
CA GLY B 79 10.18 9.33 41.92
C GLY B 79 9.56 9.70 40.59
N LEU B 80 9.90 10.84 39.98
CA LEU B 80 9.38 11.22 38.63
C LEU B 80 10.52 11.18 37.62
N TRP B 81 10.46 10.32 36.58
CA TRP B 81 9.48 9.27 36.36
C TRP B 81 10.20 8.24 35.49
N ARG B 82 9.71 7.02 35.45
CA ARG B 82 9.97 6.03 34.38
C ARG B 82 9.16 6.39 33.14
N ILE B 83 9.56 5.89 31.96
CA ILE B 83 8.83 6.20 30.68
C ILE B 83 8.51 4.87 30.00
N LEU B 84 7.25 4.72 29.59
CA LEU B 84 6.81 3.62 28.71
C LEU B 84 6.58 4.20 27.34
N GLY B 85 7.38 3.74 26.37
CA GLY B 85 7.21 4.11 24.96
C GLY B 85 6.33 3.09 24.24
N ALA B 86 5.72 3.53 23.15
CA ALA B 86 5.00 2.68 22.18
C ALA B 86 3.91 1.87 22.88
N PRO B 87 3.07 2.51 23.73
CA PRO B 87 2.07 1.79 24.51
C PRO B 87 1.00 1.09 23.68
N ALA B 88 0.73 1.52 22.44
CA ALA B 88 -0.32 0.91 21.62
C ALA B 88 0.13 0.75 20.18
N SER B 89 1.41 0.47 19.99
CA SER B 89 1.95 0.21 18.64
C SER B 89 1.78 -1.27 18.31
N LEU B 90 2.29 -1.71 17.17
CA LEU B 90 2.06 -3.08 16.64
C LEU B 90 3.17 -4.04 17.06
N ARG B 91 2.81 -5.32 17.16
CA ARG B 91 3.74 -6.45 17.35
C ARG B 91 4.08 -7.00 15.97
N SER B 92 5.22 -7.63 15.81
CA SER B 92 5.69 -8.03 14.45
C SER B 92 5.06 -9.36 14.05
N SER B 93 4.69 -10.24 14.98
CA SER B 93 4.07 -11.55 14.64
C SER B 93 2.67 -11.31 14.07
N PRO B 94 2.36 -11.78 12.84
CA PRO B 94 1.08 -11.48 12.19
C PRO B 94 -0.11 -11.92 13.07
N LYS B 95 0.01 -13.08 13.73
CA LYS B 95 -1.07 -13.67 14.57
C LYS B 95 -1.42 -12.80 15.78
N GLU B 96 -0.52 -11.95 16.25
CA GLU B 96 -0.75 -11.13 17.47
C GLU B 96 -0.47 -9.66 17.17
N ARG B 97 -0.59 -9.25 15.91
CA ARG B 97 -0.21 -7.89 15.43
C ARG B 97 -0.85 -6.80 16.31
N PHE B 98 -2.09 -7.00 16.74
CA PHE B 98 -2.83 -6.00 17.54
C PHE B 98 -2.85 -6.35 19.03
N GLY B 99 -1.96 -7.22 19.50
CA GLY B 99 -1.99 -7.75 20.87
C GLY B 99 -1.84 -6.64 21.91
N ARG B 100 -1.07 -5.60 21.60
CA ARG B 100 -0.84 -4.48 22.56
C ARG B 100 -2.14 -3.69 22.76
N LEU B 101 -2.89 -3.44 21.69
CA LEU B 101 -4.22 -2.76 21.77
C LEU B 101 -5.20 -3.71 22.45
N ALA B 102 -5.18 -4.98 22.08
CA ALA B 102 -6.09 -5.96 22.70
C ALA B 102 -5.89 -6.03 24.23
N ARG B 103 -4.67 -5.87 24.76
CA ARG B 103 -4.47 -5.85 26.24
C ARG B 103 -4.98 -4.56 26.87
N HIS B 104 -5.27 -3.53 26.08
CA HIS B 104 -6.00 -2.33 26.61
C HIS B 104 -7.45 -2.70 26.95
N LEU B 105 -8.03 -3.75 26.36
CA LEU B 105 -9.51 -3.97 26.26
C LEU B 105 -9.98 -5.34 26.76
N ALA B 106 -9.16 -6.05 27.54
CA ALA B 106 -9.47 -7.40 28.06
C ALA B 106 -9.81 -8.31 26.88
N LEU B 107 -9.11 -8.19 25.75
CA LEU B 107 -9.26 -9.11 24.59
C LEU B 107 -7.99 -9.95 24.52
N PRO B 108 -8.06 -11.16 23.93
CA PRO B 108 -6.87 -11.98 23.69
C PRO B 108 -5.89 -11.34 22.71
N PRO B 109 -4.58 -11.66 22.80
CA PRO B 109 -3.55 -10.99 21.99
C PRO B 109 -3.69 -11.32 20.49
N THR B 110 -4.48 -12.35 20.15
CA THR B 110 -4.79 -12.77 18.75
C THR B 110 -6.02 -12.03 18.20
N ALA B 111 -6.60 -11.09 18.94
CA ALA B 111 -7.81 -10.34 18.53
C ALA B 111 -7.56 -9.62 17.21
N SER B 112 -8.52 -9.70 16.30
CA SER B 112 -8.50 -8.99 14.99
C SER B 112 -8.74 -7.50 15.24
N ALA B 113 -8.45 -6.67 14.25
CA ALA B 113 -8.77 -5.23 14.27
C ALA B 113 -10.27 -5.07 14.46
N LYS B 114 -11.06 -5.94 13.84
CA LYS B 114 -12.54 -5.90 13.92
C LYS B 114 -12.98 -6.10 15.35
N ASP B 115 -12.37 -7.04 16.04
CA ASP B 115 -12.68 -7.38 17.46
C ASP B 115 -12.48 -6.13 18.31
N ILE B 116 -11.40 -5.40 18.04
CA ILE B 116 -11.03 -4.22 18.88
C ILE B 116 -12.07 -3.13 18.64
N LEU B 117 -12.34 -2.85 17.37
CA LEU B 117 -13.28 -1.80 16.93
C LEU B 117 -14.70 -2.18 17.39
N ASP B 118 -15.10 -3.45 17.25
CA ASP B 118 -16.40 -3.96 17.77
C ASP B 118 -16.50 -3.69 19.27
N LYS B 119 -15.44 -3.95 20.04
CA LYS B 119 -15.46 -3.79 21.51
C LYS B 119 -15.61 -2.30 21.82
N MET B 120 -14.92 -1.44 21.07
CA MET B 120 -14.94 0.02 21.34
C MET B 120 -16.34 0.57 21.06
N LEU B 121 -17.07 -0.05 20.13
CA LEU B 121 -18.41 0.45 19.72
C LEU B 121 -19.50 -0.20 20.57
N SER B 122 -19.16 -1.20 21.38
CA SER B 122 -20.13 -2.04 22.16
C SER B 122 -20.91 -1.14 23.13
N ALA B 123 -20.27 -0.09 23.65
CA ALA B 123 -20.90 0.87 24.60
C ALA B 123 -21.82 1.85 23.87
N ASN B 124 -21.86 1.87 22.52
CA ASN B 124 -22.76 2.81 21.80
C ASN B 124 -24.23 2.44 22.09
N SER B 125 -24.57 1.17 22.24
CA SER B 125 -25.98 0.69 22.17
C SER B 125 -26.46 0.17 23.53
N ILE B 126 -25.71 0.39 24.61
CA ILE B 126 -26.06 -0.10 25.97
C ILE B 126 -25.92 1.05 26.96
N PRO B 127 -26.53 0.88 28.16
CA PRO B 127 -26.52 1.93 29.17
C PRO B 127 -25.11 2.16 29.70
N PRO B 128 -24.70 3.43 29.91
CA PRO B 128 -23.44 3.74 30.58
C PRO B 128 -23.40 3.02 31.94
N ILE B 129 -22.20 2.59 32.35
CA ILE B 129 -21.90 2.14 33.74
C ILE B 129 -21.12 3.28 34.38
N GLU B 130 -21.81 4.03 35.23
CA GLU B 130 -21.31 5.24 35.91
C GLU B 130 -20.10 4.86 36.76
N PRO B 131 -19.13 5.78 36.86
CA PRO B 131 -17.95 5.59 37.69
C PRO B 131 -18.36 5.59 39.17
N VAL B 132 -17.59 4.92 40.01
CA VAL B 132 -17.79 4.92 41.49
C VAL B 132 -16.65 5.73 42.07
N ILE B 133 -16.95 6.47 43.13
CA ILE B 133 -15.98 7.35 43.83
C ILE B 133 -15.30 6.52 44.92
N VAL B 134 -13.98 6.63 45.03
CA VAL B 134 -13.22 6.10 46.19
C VAL B 134 -12.56 7.28 46.90
N PRO B 135 -12.30 7.12 48.23
CA PRO B 135 -11.71 8.20 49.02
C PRO B 135 -10.21 8.47 48.77
N THR B 136 -9.48 7.46 48.29
CA THR B 136 -8.03 7.56 47.99
C THR B 136 -7.66 6.48 46.96
N GLY B 137 -6.39 6.48 46.55
CA GLY B 137 -5.83 5.38 45.75
C GLY B 137 -4.33 5.57 45.53
N PRO B 138 -3.71 4.66 44.77
CA PRO B 138 -2.27 4.70 44.49
C PRO B 138 -1.77 6.06 44.00
N VAL B 139 -2.60 6.77 43.24
CA VAL B 139 -2.25 8.10 42.66
C VAL B 139 -1.98 9.14 43.77
N LYS B 140 -2.49 8.92 44.98
CA LYS B 140 -2.34 9.85 46.12
C LYS B 140 -1.12 9.49 46.98
N GLU B 141 -0.32 8.47 46.63
CA GLU B 141 0.90 8.04 47.39
C GLU B 141 1.92 9.17 47.52
N ASN B 142 2.03 10.10 46.56
CA ASN B 142 3.06 11.18 46.59
C ASN B 142 2.47 12.46 46.06
N SER B 143 3.08 13.60 46.38
CA SER B 143 2.63 14.90 45.85
C SER B 143 3.71 15.97 45.89
N ILE B 144 3.60 16.90 44.96
CA ILE B 144 4.36 18.17 44.87
C ILE B 144 3.33 19.27 44.68
N GLU B 145 3.49 20.42 45.33
CA GLU B 145 2.44 21.46 45.37
C GLU B 145 3.01 22.86 45.23
N GLY B 146 2.24 23.74 44.57
CA GLY B 146 2.49 25.16 44.33
C GLY B 146 3.94 25.42 43.94
N GLU B 147 4.63 26.28 44.70
CA GLU B 147 5.98 26.80 44.37
C GLU B 147 7.01 25.67 44.29
N ASN B 148 6.73 24.50 44.87
CA ASN B 148 7.70 23.37 44.81
C ASN B 148 7.68 22.72 43.42
N ILE B 149 6.67 23.03 42.59
CA ILE B 149 6.54 22.40 41.23
C ILE B 149 7.51 23.13 40.32
N ASP B 150 8.41 22.41 39.64
CA ASP B 150 9.28 22.98 38.57
C ASP B 150 9.24 22.01 37.40
N LEU B 151 8.34 22.27 36.48
CA LEU B 151 8.10 21.36 35.33
C LEU B 151 9.34 21.27 34.45
N GLU B 152 10.08 22.37 34.34
CA GLU B 152 11.32 22.48 33.52
C GLU B 152 12.41 21.55 34.06
N ALA B 153 12.37 21.18 35.34
CA ALA B 153 13.43 20.36 35.99
C ALA B 153 13.01 18.89 36.02
N LEU B 154 11.78 18.58 35.62
CA LEU B 154 11.30 17.18 35.49
C LEU B 154 11.82 16.64 34.16
N PRO B 155 12.06 15.31 34.03
CA PRO B 155 12.64 14.74 32.82
C PRO B 155 11.59 14.49 31.73
N ALA B 156 10.88 15.55 31.36
CA ALA B 156 9.92 15.55 30.24
C ALA B 156 10.75 15.23 28.99
N PRO B 157 10.24 14.34 28.14
CA PRO B 157 11.00 13.95 26.95
C PRO B 157 11.02 15.01 25.84
N MET B 158 12.17 15.08 25.18
CA MET B 158 12.27 15.74 23.87
C MET B 158 12.00 14.64 22.84
N VAL B 159 10.87 14.75 22.14
CA VAL B 159 10.33 13.57 21.41
C VAL B 159 10.88 13.57 19.98
N HIS B 160 11.07 14.73 19.37
CA HIS B 160 11.70 14.91 18.03
C HIS B 160 12.68 16.08 18.11
N GLN B 161 13.80 16.05 17.37
CA GLN B 161 14.88 17.05 17.55
C GLN B 161 14.37 18.46 17.19
N SER B 162 13.38 18.60 16.30
CA SER B 162 12.87 19.93 15.89
C SER B 162 11.58 20.32 16.64
N ASP B 163 11.17 19.58 17.65
CA ASP B 163 10.01 19.95 18.51
C ASP B 163 10.31 21.32 19.19
N GLY B 164 9.27 22.15 19.34
CA GLY B 164 9.29 23.47 20.00
C GLY B 164 9.49 23.41 21.50
N GLY B 165 9.43 22.24 22.12
CA GLY B 165 9.72 22.04 23.56
C GLY B 165 9.52 20.60 23.94
N LYS B 166 9.43 20.32 25.24
CA LYS B 166 9.39 18.96 25.80
C LYS B 166 7.93 18.52 25.93
N TYR B 167 7.52 17.56 25.07
CA TYR B 167 6.13 17.04 25.01
C TYR B 167 5.95 15.98 26.08
N ILE B 168 5.77 16.50 27.30
CA ILE B 168 5.34 15.71 28.49
C ILE B 168 4.03 14.99 28.19
N GLN B 169 3.14 15.61 27.43
CA GLN B 169 1.77 15.07 27.24
C GLN B 169 1.60 14.56 25.81
N THR B 170 1.77 13.27 25.63
CA THR B 170 1.53 12.56 24.34
C THR B 170 0.60 11.35 24.55
N TYR B 171 0.28 10.93 25.77
CA TYR B 171 -0.57 9.74 26.00
C TYR B 171 -1.31 9.83 27.35
N GLY B 172 -1.55 11.02 27.83
CA GLY B 172 -2.37 11.25 29.04
C GLY B 172 -3.75 11.71 28.65
N MET B 173 -4.67 11.72 29.62
CA MET B 173 -6.10 12.01 29.44
C MET B 173 -6.39 13.37 30.10
N HIS B 174 -6.73 14.39 29.32
CA HIS B 174 -7.26 15.68 29.81
C HIS B 174 -8.66 15.45 30.35
N VAL B 175 -8.92 15.97 31.55
CA VAL B 175 -10.23 15.90 32.23
C VAL B 175 -10.73 17.34 32.30
N ILE B 176 -11.87 17.61 31.65
CA ILE B 176 -12.45 18.97 31.70
C ILE B 176 -13.97 18.85 31.67
N GLN B 177 -14.62 19.62 32.53
CA GLN B 177 -16.08 19.56 32.73
C GLN B 177 -16.71 20.82 32.14
N SER B 178 -17.85 20.65 31.48
CA SER B 178 -18.65 21.79 30.93
C SER B 178 -19.18 22.65 32.08
N PRO B 179 -19.52 23.92 31.81
CA PRO B 179 -20.18 24.76 32.79
C PRO B 179 -21.51 24.24 33.32
N ASP B 180 -22.24 23.36 32.60
CA ASP B 180 -23.54 22.80 33.08
C ASP B 180 -23.26 21.79 34.21
N GLY B 181 -22.01 21.34 34.37
CA GLY B 181 -21.65 20.33 35.37
C GLY B 181 -21.88 18.89 34.94
N CYS B 182 -22.60 18.62 33.85
CA CYS B 182 -23.09 17.25 33.54
C CYS B 182 -22.10 16.52 32.65
N TRP B 183 -21.44 17.27 31.78
CA TRP B 183 -20.54 16.68 30.74
C TRP B 183 -19.09 16.81 31.19
N THR B 184 -18.49 15.70 31.56
CA THR B 184 -17.04 15.61 31.80
C THR B 184 -16.39 14.89 30.61
N ASN B 185 -15.53 15.62 29.91
CA ASN B 185 -14.83 15.06 28.74
C ASN B 185 -13.48 14.51 29.18
N TRP B 186 -13.14 13.32 28.66
CA TRP B 186 -11.76 12.75 28.69
C TRP B 186 -11.21 12.69 27.25
N SER B 187 -10.02 13.20 27.02
CA SER B 187 -9.50 13.24 25.64
C SER B 187 -7.99 13.39 25.64
N ILE B 188 -7.39 12.96 24.54
CA ILE B 188 -5.92 13.13 24.34
C ILE B 188 -5.76 14.35 23.45
N ALA B 189 -4.98 15.30 23.91
CA ALA B 189 -4.48 16.42 23.08
C ALA B 189 -3.08 16.73 23.59
N ARG B 190 -2.18 17.02 22.67
CA ARG B 190 -0.75 17.14 23.00
C ARG B 190 -0.53 18.38 23.86
N ALA B 191 0.49 18.34 24.71
CA ALA B 191 0.91 19.56 25.40
C ALA B 191 2.41 19.49 25.72
N MET B 192 3.04 20.65 25.74
CA MET B 192 4.49 20.78 26.00
C MET B 192 4.73 21.65 27.23
N VAL B 193 5.79 21.35 27.96
CA VAL B 193 6.23 22.23 29.08
C VAL B 193 6.57 23.62 28.54
N SER B 194 5.98 24.67 29.13
CA SER B 194 6.08 26.07 28.65
C SER B 194 6.74 26.96 29.73
N GLY B 195 6.84 26.49 30.96
CA GLY B 195 7.46 27.27 32.05
C GLY B 195 7.42 26.50 33.34
N LYS B 196 7.82 27.12 34.44
CA LYS B 196 7.90 26.44 35.77
C LYS B 196 6.58 25.73 36.11
N ARG B 197 5.45 26.40 35.89
CA ARG B 197 4.13 25.87 36.34
C ARG B 197 3.17 25.70 35.16
N THR B 198 3.63 25.81 33.92
CA THR B 198 2.73 25.95 32.73
C THR B 198 3.03 24.91 31.63
N LEU B 199 1.97 24.46 30.97
CA LEU B 199 2.03 23.72 29.68
C LEU B 199 1.37 24.60 28.62
N ALA B 200 1.75 24.44 27.36
CA ALA B 200 1.05 25.00 26.20
C ALA B 200 0.55 23.83 25.34
N GLY B 201 -0.69 23.90 24.87
CA GLY B 201 -1.26 22.74 24.18
C GLY B 201 -1.98 23.15 22.89
N LEU B 202 -2.27 22.14 22.09
CA LEU B 202 -3.10 22.22 20.87
C LEU B 202 -4.54 21.94 21.30
N VAL B 203 -5.41 22.93 21.08
CA VAL B 203 -6.85 22.91 21.50
C VAL B 203 -7.60 23.51 20.31
N ILE B 204 -7.96 22.67 19.33
CA ILE B 204 -8.54 23.11 18.03
C ILE B 204 -9.98 22.62 17.88
N SER B 205 -10.77 23.40 17.14
CA SER B 205 -12.13 22.98 16.70
C SER B 205 -11.96 21.78 15.79
N PRO B 206 -12.84 20.76 15.77
CA PRO B 206 -14.05 20.66 16.60
C PRO B 206 -13.92 19.76 17.83
N GLN B 207 -12.72 19.69 18.39
CA GLN B 207 -12.46 18.74 19.50
C GLN B 207 -13.23 19.21 20.75
N HIS B 208 -13.63 18.27 21.56
CA HIS B 208 -14.52 18.57 22.71
C HIS B 208 -13.76 19.42 23.73
N ILE B 209 -12.43 19.26 23.84
CA ILE B 209 -11.71 20.11 24.83
C ILE B 209 -11.86 21.57 24.40
N ARG B 210 -11.88 21.84 23.09
CA ARG B 210 -12.04 23.21 22.59
C ARG B 210 -13.49 23.65 22.71
N LYS B 211 -14.47 22.79 22.41
CA LYS B 211 -15.91 23.11 22.57
C LYS B 211 -16.17 23.54 24.04
N ILE B 212 -15.65 22.80 25.01
CA ILE B 212 -15.82 23.10 26.46
C ILE B 212 -15.08 24.38 26.83
N GLN B 213 -13.83 24.57 26.37
CA GLN B 213 -13.10 25.82 26.58
C GLN B 213 -13.92 27.00 26.10
N ASP B 214 -14.59 26.87 24.94
CA ASP B 214 -15.37 27.96 24.34
C ASP B 214 -16.66 28.22 25.16
N GLN B 215 -17.27 27.19 25.69
CA GLN B 215 -18.44 27.32 26.58
C GLN B 215 -18.03 28.15 27.80
N TRP B 216 -16.87 27.86 28.43
CA TRP B 216 -16.37 28.66 29.60
C TRP B 216 -16.06 30.11 29.22
N ARG B 217 -15.36 30.35 28.12
CA ARG B 217 -15.01 31.72 27.67
C ARG B 217 -16.34 32.49 27.51
N ALA B 218 -17.38 31.85 27.00
CA ALA B 218 -18.66 32.52 26.64
C ALA B 218 -19.38 33.01 27.92
N ILE B 219 -19.19 32.37 29.08
CA ILE B 219 -19.84 32.84 30.34
C ILE B 219 -18.87 33.67 31.18
N GLY B 220 -17.64 33.88 30.73
CA GLY B 220 -16.70 34.83 31.36
C GLY B 220 -15.71 34.20 32.32
N GLN B 221 -15.54 32.87 32.30
CA GLN B 221 -14.56 32.24 33.22
C GLN B 221 -13.17 32.35 32.61
N GLU B 222 -12.21 32.85 33.40
CA GLU B 222 -10.80 33.06 33.01
C GLU B 222 -10.04 31.73 33.15
N GLU B 223 -10.22 31.01 34.25
CA GLU B 223 -9.43 29.80 34.53
C GLU B 223 -10.36 28.61 34.82
N ILE B 224 -10.32 27.62 33.94
CA ILE B 224 -11.24 26.49 33.95
C ILE B 224 -10.61 25.39 34.77
N PRO B 225 -11.30 24.82 35.76
CA PRO B 225 -10.79 23.61 36.41
C PRO B 225 -10.44 22.52 35.39
N TRP B 226 -9.28 21.90 35.58
CA TRP B 226 -8.66 20.93 34.65
C TRP B 226 -7.79 19.94 35.43
N ALA B 227 -7.68 18.71 34.94
CA ALA B 227 -6.70 17.71 35.38
C ALA B 227 -6.17 17.02 34.13
N LEU B 228 -4.98 16.47 34.24
CA LEU B 228 -4.32 15.64 33.19
C LEU B 228 -3.77 14.41 33.89
N ALA B 229 -4.29 13.24 33.55
CA ALA B 229 -3.96 11.95 34.18
C ALA B 229 -3.12 11.13 33.18
N PHE B 230 -1.90 10.80 33.57
CA PHE B 230 -1.01 9.89 32.82
C PHE B 230 -1.12 8.47 33.37
N GLY B 231 -1.01 7.48 32.48
CA GLY B 231 -1.07 6.07 32.88
C GLY B 231 -2.41 5.78 33.49
N VAL B 232 -3.48 6.15 32.79
CA VAL B 232 -4.89 5.87 33.22
C VAL B 232 -5.20 4.42 32.85
N PRO B 233 -6.31 3.85 33.35
CA PRO B 233 -6.84 2.56 32.91
C PRO B 233 -6.81 2.50 31.39
N PRO B 234 -6.22 1.44 30.83
CA PRO B 234 -6.08 1.36 29.38
C PRO B 234 -7.41 1.47 28.62
N THR B 235 -8.53 0.96 29.15
CA THR B 235 -9.84 1.15 28.47
C THR B 235 -10.14 2.64 28.38
N ALA B 236 -9.74 3.42 29.39
CA ALA B 236 -10.03 4.86 29.42
C ALA B 236 -9.23 5.55 28.33
N ILE B 237 -7.95 5.18 28.15
CA ILE B 237 -7.14 5.98 27.19
C ILE B 237 -7.65 5.70 25.76
N MET B 238 -8.17 4.51 25.52
CA MET B 238 -8.75 4.17 24.20
C MET B 238 -9.99 5.06 23.94
N ALA B 239 -10.91 5.14 24.89
CA ALA B 239 -12.12 5.97 24.75
C ALA B 239 -11.72 7.43 24.67
N SER B 240 -10.61 7.81 25.31
CA SER B 240 -10.06 9.19 25.26
C SER B 240 -9.69 9.58 23.83
N SER B 241 -9.42 8.58 22.98
CA SER B 241 -8.92 8.79 21.59
C SER B 241 -10.04 8.63 20.57
N MET B 242 -11.24 8.32 21.04
CA MET B 242 -12.44 8.01 20.20
C MET B 242 -13.44 9.15 20.22
N PRO B 243 -13.91 9.60 19.04
CA PRO B 243 -14.83 10.73 18.91
C PRO B 243 -16.26 10.24 19.22
N ILE B 244 -16.49 9.90 20.49
CA ILE B 244 -17.88 9.55 20.94
C ILE B 244 -18.71 10.84 20.94
N PRO B 245 -20.06 10.76 20.90
CA PRO B 245 -20.85 11.98 20.67
C PRO B 245 -20.65 13.12 21.68
N ASP B 246 -20.97 14.32 21.22
CA ASP B 246 -20.99 15.58 22.02
C ASP B 246 -21.90 15.31 23.23
N GLY B 247 -21.51 15.80 24.41
CA GLY B 247 -22.33 15.70 25.63
C GLY B 247 -22.31 14.33 26.27
N VAL B 248 -21.60 13.35 25.74
CA VAL B 248 -21.43 12.01 26.37
C VAL B 248 -20.12 12.00 27.15
N SER B 249 -20.23 11.80 28.46
CA SER B 249 -19.09 11.61 29.38
C SER B 249 -18.40 10.29 29.10
N GLU B 250 -17.10 10.33 28.82
CA GLU B 250 -16.31 9.13 28.48
C GLU B 250 -16.32 8.14 29.63
N ALA B 251 -16.35 8.61 30.88
CA ALA B 251 -16.30 7.70 32.07
C ALA B 251 -17.38 6.62 31.97
N GLY B 252 -18.63 6.99 31.68
CA GLY B 252 -19.73 6.03 31.60
C GLY B 252 -19.58 5.06 30.44
N TYR B 253 -19.04 5.56 29.34
CA TYR B 253 -18.86 4.78 28.09
C TYR B 253 -17.81 3.70 28.38
N VAL B 254 -16.74 4.14 29.02
CA VAL B 254 -15.60 3.28 29.43
C VAL B 254 -16.12 2.19 30.36
N GLY B 255 -16.96 2.56 31.33
CA GLY B 255 -17.58 1.56 32.22
C GLY B 255 -18.29 0.48 31.43
N ALA B 256 -19.06 0.89 30.41
CA ALA B 256 -19.91 -0.03 29.62
C ALA B 256 -19.02 -0.88 28.72
N ILE B 257 -17.91 -0.35 28.24
CA ILE B 257 -16.92 -1.20 27.50
C ILE B 257 -16.36 -2.28 28.46
N ALA B 258 -15.93 -1.86 29.66
CA ALA B 258 -15.14 -2.68 30.61
C ALA B 258 -16.06 -3.66 31.34
N GLY B 259 -17.38 -3.40 31.29
CA GLY B 259 -18.42 -4.19 31.97
C GLY B 259 -18.40 -3.96 33.47
N GLU B 260 -17.81 -2.85 33.95
CA GLU B 260 -17.77 -2.52 35.40
C GLU B 260 -17.36 -1.06 35.58
N PRO B 261 -17.59 -0.47 36.77
CA PRO B 261 -17.28 0.94 37.00
C PRO B 261 -15.78 1.22 36.98
N ILE B 262 -15.39 2.38 36.44
CA ILE B 262 -14.04 2.96 36.67
C ILE B 262 -14.05 3.65 38.04
N LYS B 263 -13.08 3.30 38.91
CA LYS B 263 -12.93 3.89 40.27
C LYS B 263 -12.20 5.22 40.13
N LEU B 264 -12.87 6.30 40.52
CA LEU B 264 -12.33 7.67 40.44
C LEU B 264 -12.09 8.19 41.87
N VAL B 265 -11.08 9.02 42.00
CA VAL B 265 -10.82 9.81 43.23
C VAL B 265 -10.92 11.28 42.87
N LYS B 266 -11.30 12.10 43.84
CA LYS B 266 -11.40 13.55 43.62
C LYS B 266 -10.00 14.11 43.63
N CYS B 267 -9.74 15.07 42.76
CA CYS B 267 -8.51 15.89 42.79
C CYS B 267 -8.49 16.57 44.16
N ASP B 268 -7.30 16.92 44.65
CA ASP B 268 -7.07 17.59 45.96
C ASP B 268 -7.49 19.04 45.83
N THR B 269 -7.22 19.68 44.69
CA THR B 269 -7.21 21.18 44.58
C THR B 269 -8.43 21.66 43.76
N ASN B 270 -9.33 20.77 43.33
CA ASN B 270 -10.52 21.12 42.50
C ASN B 270 -11.53 19.97 42.56
N ASN B 271 -12.69 20.10 41.92
CA ASN B 271 -13.84 19.18 42.02
C ASN B 271 -13.91 18.18 40.87
N LEU B 272 -12.83 18.03 40.07
CA LEU B 272 -12.76 16.99 39.03
C LEU B 272 -12.31 15.68 39.66
N TYR B 273 -12.63 14.60 38.97
CA TYR B 273 -12.34 13.20 39.36
C TYR B 273 -11.38 12.59 38.34
N VAL B 274 -10.41 11.82 38.84
CA VAL B 274 -9.39 11.13 38.02
C VAL B 274 -9.35 9.67 38.41
N PRO B 275 -8.96 8.76 37.50
CA PRO B 275 -8.82 7.37 37.87
C PRO B 275 -7.89 7.22 39.09
N ALA B 276 -8.36 6.48 40.09
CA ALA B 276 -7.72 6.34 41.42
C ALA B 276 -6.33 5.68 41.30
N ASN B 277 -6.11 4.89 40.24
CA ASN B 277 -4.83 4.17 40.02
C ASN B 277 -3.99 4.81 38.90
N SER B 278 -4.26 6.06 38.50
CA SER B 278 -3.43 6.80 37.51
C SER B 278 -1.98 6.79 37.98
N GLU B 279 -1.00 6.81 37.07
CA GLU B 279 0.42 6.94 37.47
C GLU B 279 0.68 8.33 38.03
N ILE B 280 0.21 9.37 37.34
CA ILE B 280 0.60 10.77 37.59
C ILE B 280 -0.62 11.60 37.22
N VAL B 281 -1.01 12.53 38.09
CA VAL B 281 -2.05 13.54 37.77
C VAL B 281 -1.52 14.95 38.01
N LEU B 282 -1.68 15.81 37.02
CA LEU B 282 -1.50 17.27 37.15
C LEU B 282 -2.89 17.83 37.38
N GLU B 283 -3.03 18.68 38.41
CA GLU B 283 -4.30 19.40 38.68
C GLU B 283 -4.01 20.88 38.50
N GLY B 284 -4.94 21.61 37.90
CA GLY B 284 -4.75 23.03 37.70
C GLY B 284 -5.90 23.63 36.90
N THR B 285 -5.56 24.58 36.04
CA THR B 285 -6.55 25.30 35.21
C THR B 285 -6.09 25.41 33.75
N LEU B 286 -7.08 25.45 32.84
CA LEU B 286 -6.94 25.84 31.42
C LEU B 286 -7.43 27.28 31.30
N SER B 287 -6.61 28.15 30.77
CA SER B 287 -6.96 29.58 30.60
C SER B 287 -7.86 29.71 29.37
N THR B 288 -8.82 30.62 29.43
CA THR B 288 -9.59 31.06 28.25
C THR B 288 -8.94 32.30 27.63
N THR B 289 -7.91 32.89 28.23
CA THR B 289 -7.31 34.15 27.69
C THR B 289 -5.80 33.96 27.43
N LYS B 290 -5.08 33.25 28.30
CA LYS B 290 -3.60 33.17 28.27
C LYS B 290 -3.16 32.20 27.18
N MET B 291 -2.25 32.67 26.35
CA MET B 291 -1.72 31.95 25.17
C MET B 291 -0.20 31.92 25.29
N ALA B 292 0.44 30.90 24.71
CA ALA B 292 1.92 30.79 24.70
C ALA B 292 2.29 30.03 23.44
N PRO B 293 3.51 30.24 22.92
CA PRO B 293 3.99 29.50 21.75
C PRO B 293 3.95 27.98 21.97
N GLU B 294 3.35 27.27 21.01
CA GLU B 294 3.16 25.80 21.08
C GLU B 294 3.58 25.19 19.73
N GLY B 295 4.23 24.05 19.79
CA GLY B 295 4.81 23.40 18.61
C GLY B 295 6.12 24.06 18.18
N PRO B 296 6.72 23.53 17.10
CA PRO B 296 6.12 22.43 16.37
C PRO B 296 6.23 21.09 17.10
N PHE B 297 5.58 20.07 16.54
CA PHE B 297 5.58 18.71 17.07
C PHE B 297 5.56 17.75 15.90
N GLY B 298 6.43 16.75 15.91
CA GLY B 298 6.41 15.63 14.95
C GLY B 298 5.11 14.86 15.12
N GLU B 299 4.25 14.91 14.12
N GLU B 299 4.22 14.99 14.14
CA GLU B 299 2.80 14.61 14.25
CA GLU B 299 2.78 14.66 14.26
C GLU B 299 2.45 13.32 13.50
C GLU B 299 2.42 13.46 13.37
N MET B 300 1.15 13.03 13.46
CA MET B 300 0.61 11.74 13.01
C MET B 300 0.85 11.47 11.52
N HIS B 301 1.05 12.49 10.70
CA HIS B 301 1.21 12.34 9.22
C HIS B 301 2.69 12.10 8.88
N GLY B 302 3.60 12.18 9.85
CA GLY B 302 5.05 11.92 9.71
C GLY B 302 5.87 13.16 9.42
N TYR B 303 5.44 14.38 9.81
CA TYR B 303 6.13 15.65 9.52
C TYR B 303 6.30 16.50 10.78
N VAL B 304 7.42 17.22 10.81
CA VAL B 304 7.58 18.40 11.69
C VAL B 304 8.07 19.53 10.80
N TYR B 305 7.62 20.74 11.07
CA TYR B 305 8.06 21.98 10.40
C TYR B 305 8.94 22.77 11.39
N PRO B 306 10.28 22.67 11.36
CA PRO B 306 11.16 23.40 12.29
C PRO B 306 10.82 24.89 12.37
N GLY B 307 10.78 25.43 13.59
CA GLY B 307 10.53 26.87 13.85
C GLY B 307 9.07 27.28 13.75
N GLU B 308 8.13 26.41 13.38
CA GLU B 308 6.70 26.77 13.17
C GLU B 308 5.89 26.53 14.44
N SER B 309 6.00 27.41 15.42
CA SER B 309 5.06 27.42 16.57
C SER B 309 3.84 28.28 16.23
N HIS B 310 2.74 28.04 16.93
CA HIS B 310 1.49 28.82 16.87
C HIS B 310 1.03 29.01 18.31
N PRO B 311 0.43 30.16 18.64
CA PRO B 311 -0.17 30.35 19.98
C PRO B 311 -1.09 29.18 20.30
N GLY B 312 -0.90 28.61 21.49
CA GLY B 312 -1.82 27.65 22.11
C GLY B 312 -2.21 28.13 23.51
N PRO B 313 -3.33 27.62 24.04
CA PRO B 313 -3.74 27.94 25.41
C PRO B 313 -2.75 27.42 26.45
N VAL B 314 -2.70 28.16 27.56
CA VAL B 314 -1.85 27.86 28.74
C VAL B 314 -2.63 27.02 29.75
N TYR B 315 -2.03 25.93 30.14
CA TYR B 315 -2.48 25.14 31.30
C TYR B 315 -1.58 25.46 32.50
N THR B 316 -2.14 25.78 33.67
CA THR B 316 -1.35 26.07 34.90
C THR B 316 -1.48 24.89 35.85
N VAL B 317 -0.35 24.38 36.34
CA VAL B 317 -0.30 23.20 37.26
C VAL B 317 -0.09 23.74 38.67
N ASN B 318 -1.02 23.36 39.56
CA ASN B 318 -1.06 23.79 40.98
C ASN B 318 -0.64 22.64 41.88
N LYS B 319 -0.84 21.39 41.46
CA LYS B 319 -0.47 20.20 42.26
C LYS B 319 -0.15 19.00 41.36
N ILE B 320 0.83 18.20 41.75
CA ILE B 320 1.11 16.91 41.10
C ILE B 320 0.95 15.84 42.16
N THR B 321 0.17 14.81 41.87
CA THR B 321 0.07 13.59 42.69
C THR B 321 0.54 12.43 41.82
N TYR B 322 1.14 11.40 42.43
CA TYR B 322 1.74 10.30 41.64
C TYR B 322 1.95 9.05 42.48
N ARG B 323 1.91 7.92 41.78
CA ARG B 323 2.18 6.58 42.37
C ARG B 323 3.66 6.53 42.72
N ASN B 324 4.03 5.70 43.69
CA ASN B 324 5.43 5.27 43.86
C ASN B 324 5.86 4.64 42.52
N ASN B 325 7.07 4.95 42.05
CA ASN B 325 7.71 4.30 40.87
C ASN B 325 6.84 4.64 39.64
N ALA B 326 6.32 5.86 39.62
CA ALA B 326 5.44 6.39 38.56
C ALA B 326 6.06 6.21 37.17
N ILE B 327 5.22 5.82 36.20
CA ILE B 327 5.57 5.67 34.76
C ILE B 327 4.77 6.69 33.96
N LEU B 328 5.46 7.52 33.19
CA LEU B 328 4.87 8.42 32.16
C LEU B 328 4.82 7.67 30.83
N PRO B 329 3.64 7.48 30.22
CA PRO B 329 3.57 6.92 28.87
C PRO B 329 3.91 7.98 27.82
N MET B 330 4.51 7.52 26.73
CA MET B 330 5.05 8.38 25.67
C MET B 330 4.76 7.73 24.29
N SER B 331 4.12 8.48 23.41
CA SER B 331 3.91 8.14 21.98
C SER B 331 4.93 8.96 21.20
N ALA B 332 5.91 8.29 20.61
CA ALA B 332 6.88 8.94 19.69
C ALA B 332 6.30 8.92 18.28
N CYS B 333 5.36 9.80 18.01
CA CYS B 333 4.54 9.63 16.80
C CYS B 333 5.29 10.22 15.57
N GLY B 334 4.86 9.78 14.41
CA GLY B 334 5.46 10.16 13.14
C GLY B 334 5.08 9.18 12.05
N ARG B 335 6.06 8.76 11.27
CA ARG B 335 5.85 7.77 10.20
C ARG B 335 5.44 6.45 10.85
N LEU B 336 4.90 5.52 10.04
CA LEU B 336 4.30 4.24 10.54
C LEU B 336 5.28 3.47 11.40
N THR B 337 4.79 2.82 12.47
CA THR B 337 3.39 2.76 12.90
C THR B 337 3.36 3.02 14.40
N ASP B 338 2.61 4.03 14.80
CA ASP B 338 2.52 4.41 16.24
C ASP B 338 1.06 4.56 16.64
N GLU B 339 0.84 5.14 17.83
CA GLU B 339 -0.51 5.22 18.41
C GLU B 339 -1.42 6.12 17.55
N THR B 340 -0.85 7.07 16.85
CA THR B 340 -1.70 8.00 16.06
C THR B 340 -2.35 7.24 14.90
N GLN B 341 -1.72 6.18 14.40
CA GLN B 341 -2.33 5.39 13.31
C GLN B 341 -3.15 4.25 13.90
N THR B 342 -2.71 3.60 14.95
CA THR B 342 -3.38 2.42 15.53
C THR B 342 -4.64 2.86 16.29
N MET B 343 -4.72 4.11 16.76
CA MET B 343 -5.85 4.60 17.62
C MET B 343 -6.61 5.74 16.93
N ILE B 344 -5.97 6.77 16.41
CA ILE B 344 -6.73 7.96 15.96
C ILE B 344 -7.52 7.56 14.72
N GLY B 345 -6.89 7.01 13.67
CA GLY B 345 -7.66 6.73 12.45
C GLY B 345 -8.64 5.57 12.63
N THR B 346 -8.25 4.54 13.36
CA THR B 346 -9.03 3.29 13.50
C THR B 346 -10.27 3.56 14.36
N LEU B 347 -10.13 4.39 15.38
CA LEU B 347 -11.31 4.75 16.21
C LEU B 347 -12.19 5.77 15.49
N ALA B 348 -11.66 6.68 14.68
CA ALA B 348 -12.50 7.54 13.81
C ALA B 348 -13.28 6.63 12.85
N ALA B 349 -12.63 5.65 12.26
CA ALA B 349 -13.32 4.70 11.35
C ALA B 349 -14.45 3.98 12.10
N ALA B 350 -14.24 3.56 13.33
CA ALA B 350 -15.28 2.85 14.14
C ALA B 350 -16.48 3.79 14.28
N GLU B 351 -16.23 5.06 14.60
CA GLU B 351 -17.37 6.02 14.77
C GLU B 351 -18.01 6.36 13.42
N ILE B 352 -17.22 6.42 12.35
CA ILE B 352 -17.76 6.65 10.98
C ILE B 352 -18.67 5.46 10.62
N ARG B 353 -18.31 4.22 10.95
CA ARG B 353 -19.20 3.02 10.69
C ARG B 353 -20.55 3.26 11.37
N GLN B 354 -20.48 3.66 12.64
CA GLN B 354 -21.70 3.88 13.47
C GLN B 354 -22.58 4.95 12.84
N LEU B 355 -22.01 6.11 12.47
CA LEU B 355 -22.72 7.26 11.86
C LEU B 355 -23.45 6.80 10.59
N CYS B 356 -22.74 6.06 9.73
CA CYS B 356 -23.28 5.49 8.49
C CYS B 356 -24.48 4.62 8.82
N GLN B 357 -24.37 3.70 9.78
CA GLN B 357 -25.48 2.78 10.17
C GLN B 357 -26.68 3.57 10.73
N ASP B 358 -26.43 4.62 11.51
CA ASP B 358 -27.48 5.55 12.01
C ASP B 358 -28.19 6.27 10.85
N ALA B 359 -27.48 6.69 9.80
CA ALA B 359 -28.03 7.39 8.61
C ALA B 359 -28.78 6.41 7.69
N GLY B 360 -28.71 5.10 7.97
CA GLY B 360 -29.35 3.98 7.26
C GLY B 360 -28.57 3.60 6.01
N LEU B 361 -27.29 3.95 5.95
CA LEU B 361 -26.43 3.49 4.80
C LEU B 361 -26.02 2.04 5.06
N PRO B 362 -25.85 1.24 3.98
CA PRO B 362 -25.58 -0.19 4.10
C PRO B 362 -24.07 -0.49 4.31
N ILE B 363 -23.49 0.05 5.39
CA ILE B 363 -22.04 -0.08 5.74
C ILE B 363 -21.95 -1.09 6.86
N THR B 364 -21.14 -2.13 6.72
CA THR B 364 -21.04 -3.24 7.70
C THR B 364 -19.75 -3.08 8.54
N ASP B 365 -18.73 -2.43 7.97
CA ASP B 365 -17.36 -2.42 8.54
C ASP B 365 -16.63 -1.20 8.01
N ALA B 366 -15.73 -0.64 8.80
CA ALA B 366 -14.88 0.49 8.40
C ALA B 366 -13.50 0.31 9.06
N PHE B 367 -12.48 0.66 8.31
CA PHE B 367 -11.12 0.63 8.86
C PHE B 367 -10.32 1.76 8.22
N ALA B 368 -9.25 2.16 8.92
CA ALA B 368 -8.33 3.21 8.43
C ALA B 368 -7.05 2.47 8.05
N PRO B 369 -6.89 2.16 6.75
CA PRO B 369 -5.70 1.46 6.28
C PRO B 369 -4.42 2.23 6.67
N PHE B 370 -3.40 1.50 7.11
CA PHE B 370 -2.10 2.09 7.57
C PHE B 370 -1.47 2.89 6.43
N VAL B 371 -1.54 2.38 5.19
CA VAL B 371 -1.02 3.06 3.97
C VAL B 371 -1.60 4.49 3.82
N GLY B 372 -2.80 4.73 4.36
CA GLY B 372 -3.44 6.05 4.27
C GLY B 372 -2.91 7.06 5.26
N GLN B 373 -2.01 6.66 6.17
CA GLN B 373 -1.41 7.60 7.14
C GLN B 373 -2.53 8.25 7.96
N ALA B 374 -3.49 7.43 8.34
CA ALA B 374 -4.71 7.79 9.13
C ALA B 374 -5.51 8.90 8.44
N THR B 375 -5.43 9.10 7.13
CA THR B 375 -6.24 10.09 6.37
C THR B 375 -7.34 9.37 5.54
N TRP B 376 -7.27 8.05 5.42
CA TRP B 376 -8.17 7.19 4.59
C TRP B 376 -9.06 6.36 5.49
N VAL B 377 -10.33 6.21 5.12
CA VAL B 377 -11.17 5.16 5.71
C VAL B 377 -11.86 4.38 4.58
N ALA B 378 -11.71 3.09 4.64
CA ALA B 378 -12.43 2.12 3.78
C ALA B 378 -13.70 1.68 4.48
N LEU B 379 -14.81 1.80 3.75
CA LEU B 379 -16.17 1.38 4.16
C LEU B 379 -16.61 0.16 3.33
N LYS B 380 -16.92 -0.92 3.99
CA LYS B 380 -17.38 -2.20 3.41
C LYS B 380 -18.91 -2.13 3.28
N VAL B 381 -19.40 -2.31 2.05
CA VAL B 381 -20.83 -2.13 1.71
C VAL B 381 -21.49 -3.50 1.66
N ASP B 382 -22.64 -3.68 2.32
CA ASP B 382 -23.49 -4.88 2.15
C ASP B 382 -24.17 -4.72 0.77
N THR B 383 -23.70 -5.42 -0.26
CA THR B 383 -24.11 -5.13 -1.65
C THR B 383 -25.52 -5.65 -1.90
N LYS B 384 -25.94 -6.69 -1.21
CA LYS B 384 -27.35 -7.22 -1.25
C LYS B 384 -28.29 -6.08 -0.87
N ARG B 385 -27.99 -5.43 0.26
CA ARG B 385 -28.77 -4.26 0.69
C ARG B 385 -28.58 -3.13 -0.31
N LEU B 386 -27.39 -2.94 -0.90
CA LEU B 386 -27.21 -1.79 -1.80
C LEU B 386 -28.11 -1.97 -3.05
N ARG B 387 -28.21 -3.21 -3.53
CA ARG B 387 -28.97 -3.49 -4.80
C ARG B 387 -30.46 -3.21 -4.51
N ALA B 388 -30.92 -3.53 -3.32
CA ALA B 388 -32.32 -3.29 -2.91
C ALA B 388 -32.64 -1.79 -2.85
N MET B 389 -31.66 -0.86 -2.86
CA MET B 389 -31.85 0.62 -2.89
C MET B 389 -31.89 1.16 -4.32
N LYS B 390 -31.54 0.36 -5.31
CA LYS B 390 -31.68 0.79 -6.73
C LYS B 390 -31.05 2.18 -6.89
N THR B 391 -29.78 2.34 -6.48
CA THR B 391 -29.03 3.61 -6.68
C THR B 391 -27.86 3.35 -7.64
N ASN B 392 -26.95 4.30 -7.68
CA ASN B 392 -25.76 4.30 -8.56
C ASN B 392 -24.60 4.94 -7.80
N GLY B 393 -23.38 4.71 -8.27
CA GLY B 393 -22.16 5.11 -7.54
C GLY B 393 -22.04 6.59 -7.32
N LYS B 394 -22.31 7.42 -8.34
CA LYS B 394 -22.19 8.90 -8.26
C LYS B 394 -23.09 9.42 -7.14
N ALA B 395 -24.34 8.95 -7.11
CA ALA B 395 -25.37 9.35 -6.11
C ALA B 395 -24.95 8.89 -4.71
N PHE B 396 -24.58 7.63 -4.59
CA PHE B 396 -24.24 6.98 -3.30
C PHE B 396 -22.98 7.61 -2.70
N ALA B 397 -21.93 7.81 -3.49
CA ALA B 397 -20.65 8.45 -3.05
C ALA B 397 -20.95 9.83 -2.46
N LYS B 398 -21.76 10.64 -3.17
CA LYS B 398 -22.15 11.99 -2.70
C LYS B 398 -22.91 11.88 -1.38
N ARG B 399 -23.85 10.95 -1.26
CA ARG B 399 -24.67 10.79 -0.02
C ARG B 399 -23.79 10.38 1.18
N VAL B 400 -22.85 9.45 0.97
CA VAL B 400 -21.97 8.95 2.07
C VAL B 400 -21.06 10.11 2.54
N GLY B 401 -20.49 10.86 1.62
CA GLY B 401 -19.66 12.02 1.95
C GLY B 401 -20.46 13.08 2.69
N ASP B 402 -21.72 13.32 2.30
CA ASP B 402 -22.55 14.34 2.98
C ASP B 402 -22.77 13.93 4.43
N VAL B 403 -22.94 12.64 4.72
CA VAL B 403 -23.24 12.11 6.07
C VAL B 403 -21.98 12.16 6.94
N VAL B 404 -20.83 11.85 6.36
CA VAL B 404 -19.60 11.62 7.15
C VAL B 404 -18.85 12.93 7.30
N PHE B 405 -18.66 13.69 6.23
CA PHE B 405 -17.76 14.86 6.23
C PHE B 405 -18.44 16.06 6.91
N THR B 406 -19.71 15.95 7.30
CA THR B 406 -20.41 17.06 8.01
C THR B 406 -20.40 16.79 9.52
N GLN B 407 -19.89 15.64 9.95
CA GLN B 407 -19.90 15.24 11.38
C GLN B 407 -18.47 15.23 11.93
N LYS B 408 -18.36 15.39 13.24
CA LYS B 408 -17.02 15.46 13.89
C LYS B 408 -16.15 14.22 13.66
N PRO B 409 -16.63 12.97 13.76
CA PRO B 409 -15.78 11.80 13.54
C PRO B 409 -15.13 11.74 12.15
N GLY B 410 -15.72 12.43 11.17
CA GLY B 410 -15.15 12.57 9.82
C GLY B 410 -14.04 13.63 9.70
N PHE B 411 -13.74 14.40 10.75
CA PHE B 411 -12.84 15.57 10.68
C PHE B 411 -11.47 15.20 10.09
N THR B 412 -10.84 14.18 10.65
CA THR B 412 -9.43 13.84 10.29
C THR B 412 -9.36 13.09 8.96
N ILE B 413 -10.49 12.57 8.46
CA ILE B 413 -10.49 11.67 7.27
C ILE B 413 -10.72 12.48 5.99
N HIS B 414 -9.80 12.37 5.01
CA HIS B 414 -9.92 13.15 3.77
C HIS B 414 -10.33 12.23 2.60
N ARG B 415 -10.18 10.92 2.71
CA ARG B 415 -10.64 10.03 1.61
C ARG B 415 -11.42 8.85 2.19
N LEU B 416 -12.66 8.67 1.70
CA LEU B 416 -13.45 7.47 2.02
C LEU B 416 -13.44 6.60 0.77
N ILE B 417 -13.18 5.33 0.94
CA ILE B 417 -13.20 4.36 -0.19
C ILE B 417 -14.33 3.40 0.09
N LEU B 418 -15.33 3.40 -0.80
CA LEU B 418 -16.45 2.45 -0.72
C LEU B 418 -16.02 1.18 -1.45
N VAL B 419 -16.08 0.06 -0.78
CA VAL B 419 -15.78 -1.27 -1.37
C VAL B 419 -16.93 -2.25 -1.09
N GLY B 420 -17.09 -3.21 -1.98
CA GLY B 420 -18.04 -4.32 -1.86
C GLY B 420 -17.60 -5.35 -0.86
N ASP B 421 -18.49 -6.27 -0.54
CA ASP B 421 -18.29 -7.18 0.62
C ASP B 421 -17.44 -8.39 0.18
N ASP B 422 -16.77 -8.39 -0.98
CA ASP B 422 -15.66 -9.36 -1.21
C ASP B 422 -14.33 -8.80 -0.67
N ILE B 423 -14.30 -7.54 -0.24
CA ILE B 423 -13.01 -6.87 0.13
C ILE B 423 -12.89 -6.86 1.66
N ASP B 424 -11.76 -7.35 2.18
CA ASP B 424 -11.43 -7.24 3.61
C ASP B 424 -10.89 -5.83 3.89
N VAL B 425 -11.70 -4.93 4.45
CA VAL B 425 -11.28 -3.52 4.68
C VAL B 425 -10.23 -3.47 5.80
N TYR B 426 -9.98 -4.57 6.52
CA TYR B 426 -8.97 -4.62 7.61
C TYR B 426 -7.60 -4.95 7.02
N ASP B 427 -7.55 -5.32 5.73
CA ASP B 427 -6.32 -5.75 5.00
C ASP B 427 -5.98 -4.67 3.96
N ASP B 428 -4.88 -3.94 4.16
CA ASP B 428 -4.42 -2.84 3.28
C ASP B 428 -4.24 -3.34 1.84
N LYS B 429 -3.87 -4.60 1.63
CA LYS B 429 -3.62 -5.12 0.26
C LYS B 429 -4.96 -5.22 -0.50
N ASP B 430 -6.01 -5.74 0.15
CA ASP B 430 -7.36 -5.84 -0.48
C ASP B 430 -7.86 -4.43 -0.74
N VAL B 431 -7.72 -3.52 0.23
CA VAL B 431 -8.21 -2.14 0.02
C VAL B 431 -7.50 -1.49 -1.18
N MET B 432 -6.17 -1.59 -1.31
CA MET B 432 -5.47 -0.95 -2.43
C MET B 432 -5.89 -1.70 -3.72
N TRP B 433 -6.10 -3.01 -3.69
CA TRP B 433 -6.50 -3.75 -4.91
C TRP B 433 -7.84 -3.21 -5.40
N ALA B 434 -8.84 -3.11 -4.52
CA ALA B 434 -10.14 -2.55 -4.92
C ALA B 434 -10.00 -1.10 -5.39
N PHE B 435 -9.27 -0.26 -4.66
CA PHE B 435 -9.16 1.17 -5.03
C PHE B 435 -8.56 1.33 -6.43
N THR B 436 -7.49 0.60 -6.76
CA THR B 436 -6.74 0.83 -8.00
C THR B 436 -7.45 0.17 -9.19
N THR B 437 -8.37 -0.77 -8.98
CA THR B 437 -8.98 -1.55 -10.09
C THR B 437 -10.49 -1.31 -10.22
N ARG B 438 -11.11 -0.70 -9.24
CA ARG B 438 -12.59 -0.54 -9.24
C ARG B 438 -13.01 0.94 -9.26
N CYS B 439 -12.14 1.88 -8.94
CA CYS B 439 -12.48 3.32 -8.88
C CYS B 439 -11.77 4.07 -10.01
N ARG B 440 -12.55 4.43 -11.02
CA ARG B 440 -12.04 5.17 -12.18
C ARG B 440 -11.66 6.57 -11.73
N PRO B 441 -10.37 6.95 -11.79
CA PRO B 441 -9.96 8.26 -11.30
C PRO B 441 -10.81 9.40 -11.90
N GLY B 442 -11.33 10.25 -11.00
CA GLY B 442 -12.11 11.45 -11.35
C GLY B 442 -13.55 11.08 -11.64
N THR B 443 -13.78 10.25 -12.66
CA THR B 443 -15.13 9.76 -13.01
C THR B 443 -15.90 9.16 -11.83
N ASP B 444 -15.27 8.29 -11.03
CA ASP B 444 -15.93 7.56 -9.91
C ASP B 444 -15.65 8.24 -8.56
N GLU B 445 -15.28 9.50 -8.55
CA GLU B 445 -14.92 10.20 -7.28
C GLU B 445 -15.80 11.44 -7.15
N VAL B 446 -16.24 11.71 -5.91
CA VAL B 446 -16.96 12.96 -5.58
C VAL B 446 -16.08 13.75 -4.62
N PHE B 447 -15.76 14.97 -5.01
CA PHE B 447 -14.83 15.90 -4.32
C PHE B 447 -15.69 16.84 -3.46
N PHE B 448 -15.23 17.08 -2.24
CA PHE B 448 -15.95 17.96 -1.28
C PHE B 448 -15.09 19.19 -1.02
N ASP B 449 -15.42 20.33 -1.63
CA ASP B 449 -14.61 21.58 -1.56
C ASP B 449 -15.02 22.42 -0.34
N ASP B 450 -16.20 22.18 0.24
CA ASP B 450 -16.85 23.15 1.18
C ASP B 450 -16.89 22.62 2.62
N VAL B 451 -16.53 21.36 2.88
CA VAL B 451 -16.56 20.73 4.25
C VAL B 451 -15.35 21.20 5.08
N VAL B 452 -15.35 20.95 6.40
CA VAL B 452 -14.18 21.34 7.25
C VAL B 452 -13.04 20.35 6.93
N GLY B 453 -11.88 20.88 6.61
CA GLY B 453 -10.66 20.11 6.37
C GLY B 453 -9.72 20.06 7.57
N PHE B 454 -8.87 19.03 7.61
CA PHE B 454 -7.92 18.80 8.71
C PHE B 454 -6.60 19.52 8.43
N GLN B 455 -6.39 20.70 9.06
CA GLN B 455 -5.23 21.58 8.75
C GLN B 455 -3.89 20.92 9.12
N LEU B 456 -3.85 19.82 9.87
CA LEU B 456 -2.55 19.20 10.24
C LEU B 456 -1.92 18.50 9.02
N ILE B 457 -2.73 18.06 8.05
CA ILE B 457 -2.18 17.34 6.88
C ILE B 457 -1.37 18.34 6.06
N PRO B 458 -0.10 18.05 5.71
CA PRO B 458 0.70 19.00 4.96
C PRO B 458 0.04 19.57 3.70
N TYR B 459 -0.70 18.76 2.93
CA TYR B 459 -1.33 19.27 1.69
C TYR B 459 -2.43 20.28 2.03
N MET B 460 -2.84 20.38 3.30
CA MET B 460 -3.81 21.42 3.75
C MET B 460 -3.04 22.66 4.25
N SER B 461 -2.24 22.52 5.30
CA SER B 461 -1.57 23.65 6.00
C SER B 461 -0.49 24.27 5.12
N HIS B 462 0.19 23.45 4.31
CA HIS B 462 1.29 23.88 3.43
C HIS B 462 0.96 23.58 1.96
N GLY B 463 -0.29 23.77 1.55
CA GLY B 463 -0.74 23.38 0.20
C GLY B 463 -1.24 24.54 -0.63
N ASN B 464 -2.06 24.23 -1.63
CA ASN B 464 -2.42 25.15 -2.75
C ASN B 464 -3.75 25.82 -2.47
N ALA B 465 -4.47 25.42 -1.44
CA ALA B 465 -5.81 25.97 -1.16
C ALA B 465 -5.97 26.22 0.35
N GLU B 466 -7.19 26.53 0.78
CA GLU B 466 -7.56 26.83 2.20
C GLU B 466 -7.10 25.70 3.13
N ALA B 467 -6.41 26.05 4.21
CA ALA B 467 -5.91 25.09 5.22
C ALA B 467 -7.08 24.37 5.92
N ILE B 468 -8.24 25.01 6.11
CA ILE B 468 -9.30 24.49 7.02
C ILE B 468 -10.56 24.14 6.23
N LYS B 469 -10.56 24.24 4.90
CA LYS B 469 -11.78 23.98 4.08
C LYS B 469 -11.44 23.04 2.90
N GLY B 470 -12.19 21.95 2.79
CA GLY B 470 -12.23 21.10 1.58
C GLY B 470 -11.07 20.13 1.50
N GLY B 471 -10.74 19.66 0.29
CA GLY B 471 -9.64 18.70 0.05
C GLY B 471 -10.04 17.29 0.41
N LYS B 472 -11.35 16.98 0.45
CA LYS B 472 -11.90 15.64 0.74
C LYS B 472 -12.48 14.99 -0.53
N VAL B 473 -12.66 13.68 -0.46
CA VAL B 473 -13.15 12.87 -1.60
C VAL B 473 -13.76 11.59 -1.08
N VAL B 474 -14.79 11.14 -1.79
CA VAL B 474 -15.31 9.76 -1.67
C VAL B 474 -15.00 9.07 -3.01
N SER B 475 -14.32 7.93 -2.90
CA SER B 475 -13.87 7.08 -4.02
C SER B 475 -14.81 5.89 -4.08
N ASP B 476 -15.64 5.84 -5.13
CA ASP B 476 -16.55 4.70 -5.37
C ASP B 476 -15.75 3.54 -5.98
N ALA B 477 -15.29 2.60 -5.17
CA ALA B 477 -14.55 1.41 -5.62
C ALA B 477 -15.49 0.21 -5.66
N LEU B 478 -16.79 0.44 -5.95
CA LEU B 478 -17.72 -0.66 -6.29
C LEU B 478 -17.85 -0.66 -7.81
N LEU B 479 -17.73 -1.82 -8.44
CA LEU B 479 -17.90 -1.87 -9.91
C LEU B 479 -19.38 -1.63 -10.24
N THR B 480 -19.67 -1.16 -11.45
CA THR B 480 -21.02 -0.69 -11.92
C THR B 480 -22.10 -1.72 -11.63
N ALA B 481 -21.86 -2.99 -11.92
CA ALA B 481 -22.80 -4.11 -11.77
C ALA B 481 -23.12 -4.41 -10.31
N GLU B 482 -22.27 -4.01 -9.34
CA GLU B 482 -22.56 -4.25 -7.89
C GLU B 482 -23.84 -3.49 -7.44
N TYR B 483 -24.20 -2.41 -8.11
CA TYR B 483 -25.38 -1.55 -7.82
C TYR B 483 -26.67 -2.19 -8.35
N THR B 484 -26.58 -3.07 -9.34
CA THR B 484 -27.72 -3.55 -10.16
C THR B 484 -27.86 -5.06 -9.97
N THR B 485 -27.11 -5.87 -10.72
CA THR B 485 -27.32 -7.33 -10.82
C THR B 485 -26.34 -8.15 -10.00
N GLY B 486 -25.22 -7.58 -9.54
CA GLY B 486 -24.30 -8.27 -8.63
C GLY B 486 -22.95 -8.53 -9.26
N LYS B 487 -22.08 -9.05 -8.41
CA LYS B 487 -20.66 -9.39 -8.72
C LYS B 487 -20.66 -10.40 -9.85
N ASP B 488 -19.95 -10.09 -10.92
CA ASP B 488 -19.93 -10.90 -12.16
C ASP B 488 -18.50 -11.32 -12.53
N TRP B 489 -17.55 -11.17 -11.61
CA TRP B 489 -16.16 -11.69 -11.82
C TRP B 489 -15.83 -12.72 -10.77
N GLU B 490 -14.65 -13.31 -10.93
CA GLU B 490 -13.99 -14.19 -9.96
C GLU B 490 -12.57 -13.62 -9.82
N SER B 491 -12.02 -13.53 -8.60
CA SER B 491 -10.58 -13.15 -8.43
C SER B 491 -9.70 -14.19 -9.10
N ALA B 492 -8.65 -13.69 -9.74
CA ALA B 492 -7.56 -14.49 -10.35
C ALA B 492 -6.52 -14.74 -9.25
N ASP B 493 -6.90 -15.50 -8.25
CA ASP B 493 -6.02 -15.81 -7.08
C ASP B 493 -6.23 -17.27 -6.74
N PHE B 494 -5.37 -17.81 -5.89
CA PHE B 494 -5.36 -19.25 -5.56
C PHE B 494 -6.73 -19.63 -4.97
N LYS B 495 -7.26 -18.80 -4.08
CA LYS B 495 -8.50 -19.14 -3.34
C LYS B 495 -9.75 -19.14 -4.26
N ASN B 496 -9.81 -18.34 -5.32
CA ASN B 496 -11.05 -18.17 -6.13
C ASN B 496 -10.95 -18.73 -7.54
N SER B 497 -9.76 -19.03 -8.07
CA SER B 497 -9.64 -19.41 -9.50
C SER B 497 -9.40 -20.92 -9.70
N TYR B 498 -9.37 -21.69 -8.63
CA TYR B 498 -9.04 -23.15 -8.63
C TYR B 498 -10.07 -23.84 -7.76
N PRO B 499 -10.55 -25.06 -8.16
CA PRO B 499 -11.52 -25.81 -7.36
C PRO B 499 -10.90 -26.31 -6.06
N LYS B 500 -11.74 -26.50 -5.04
CA LYS B 500 -11.31 -26.92 -3.70
C LYS B 500 -10.51 -28.22 -3.75
N SER B 501 -10.86 -29.17 -4.62
CA SER B 501 -10.10 -30.45 -4.78
C SER B 501 -8.66 -30.16 -5.24
N ILE B 502 -8.48 -29.16 -6.11
CA ILE B 502 -7.12 -28.84 -6.62
C ILE B 502 -6.35 -28.13 -5.49
N GLN B 503 -7.00 -27.21 -4.80
CA GLN B 503 -6.40 -26.42 -3.70
C GLN B 503 -5.87 -27.40 -2.65
N ASP B 504 -6.66 -28.40 -2.29
CA ASP B 504 -6.29 -29.36 -1.21
C ASP B 504 -5.10 -30.22 -1.66
N LYS B 505 -5.13 -30.71 -2.90
CA LYS B 505 -4.06 -31.56 -3.47
C LYS B 505 -2.76 -30.76 -3.43
N VAL B 506 -2.83 -29.46 -3.73
CA VAL B 506 -1.64 -28.57 -3.77
C VAL B 506 -1.13 -28.28 -2.35
N LEU B 507 -2.03 -27.92 -1.43
CA LEU B 507 -1.65 -27.59 -0.02
C LEU B 507 -1.12 -28.84 0.68
N ASN B 508 -1.62 -30.03 0.36
CA ASN B 508 -1.16 -31.28 1.03
C ASN B 508 0.23 -31.66 0.52
N SER B 509 0.58 -31.22 -0.69
CA SER B 509 1.84 -31.59 -1.41
C SER B 509 2.93 -30.54 -1.17
N TRP B 510 2.56 -29.35 -0.69
CA TRP B 510 3.39 -28.11 -0.78
C TRP B 510 4.79 -28.35 -0.21
N GLU B 511 4.88 -28.66 1.07
CA GLU B 511 6.19 -28.85 1.74
C GLU B 511 6.95 -30.03 1.17
N ARG B 512 6.30 -31.18 0.92
CA ARG B 512 6.96 -32.40 0.39
C ARG B 512 7.67 -32.08 -0.94
N LEU B 513 7.08 -31.26 -1.81
CA LEU B 513 7.66 -30.88 -3.13
C LEU B 513 8.87 -29.94 -2.98
N GLY B 514 9.00 -29.19 -1.88
CA GLY B 514 10.14 -28.30 -1.62
C GLY B 514 9.76 -26.84 -1.45
N PHE B 515 8.48 -26.47 -1.45
CA PHE B 515 8.07 -25.07 -1.17
C PHE B 515 8.09 -24.78 0.34
N LYS B 516 8.06 -23.51 0.73
CA LYS B 516 8.19 -23.13 2.17
C LYS B 516 6.80 -23.15 2.84
N LYS B 517 6.77 -23.48 4.13
CA LYS B 517 5.54 -23.70 4.95
C LYS B 517 4.47 -22.63 4.66
#